data_4XN8
#
_entry.id   4XN8
#
_cell.length_a   120.295
_cell.length_b   120.295
_cell.length_c   170.132
_cell.angle_alpha   90.00
_cell.angle_beta   90.00
_cell.angle_gamma   120.00
#
_symmetry.space_group_name_H-M   'P 31 2 1'
#
loop_
_entity.id
_entity.type
_entity.pdbx_description
1 polymer 'Aminopeptidase N'
2 non-polymer 'ZINC ION'
3 non-polymer ALANINE
4 non-polymer 'SODIUM ION'
5 non-polymer 'MALONATE ION'
6 water water
#
_entity_poly.entity_id   1
_entity_poly.type   'polypeptide(L)'
_entity_poly.pdbx_seq_one_letter_code
;PQAKYRHDYRAPDYQITDIDLTFDLDAQKTVVTAVSQAVRHGASDAPLRLNGEDLKLVSVHINDEPWTAWKEEEGALVIS
NLPERFTLKIINEISPAANTALEGLYQSGDALCTQCEAEGFRHITYYLDRPDVLARFTTKIIADKIKYPFLLSNGNRVAQ
GELENGRHWVQWQDPFPKPCYLFALVAGDFDVLRDTFTTRSGREVALELYVDRGNLDRAPWAMTSLKNSMKWDEERFGLE
YDLDIYMIVAVDFFNMGAMENKGLNIFNSKYVLARTDTATDKDYLDIERVIGHEYFHNWTGNRVTCRDWFQLSLKEGLTV
FRDQEFSSDLGSRAVNRINNVRTMRGLQFAEDASPMAHPIRPDMVIEMNNFYTLTVYEKGAEVIRMIHTLLGEENFQKGM
QLYFERHDGSAATCDDFVQAMEDASNVDLSHFRRWYSQSGTPIVTVKDDYNPETEQYTLTISQRTPATPDQAEKQPLHIP
FAIELYDNEGKVIPLQKGGHPVNSVLNVTQAEQTFVFDNVYFQPVPALLCEFSAPVKLEYKWSDQQLTFLMRHARNDFSR
WDAAQSLLATYIKLNVARHQQGQPLSLPVHVADAFRAVLLDEKIDPALAAEILTLPSVNEMAELFDIIDPIAIAEVREAL
TRTLATELADELLAIYNANYQSEYRVEHEDIAKRTLRNACLRFLAFGETHLADVLVSKQFHEANNMTDALAALSAAVAAQ
LPCRDALMQEYDDKWHQNGLVMDKWFILQATSPAANVLETVRGLLQHRSFTMSNPNRIRSLIGAFAGSNPAAFHAEDGSG
YLFLVEMLTDLNSRNPQVASRLIEPLIRLKRYDAKRQEKMRAALEQLKGLENLSGDLYEKITKALA
;
_entity_poly.pdbx_strand_id   A
#
loop_
_chem_comp.id
_chem_comp.type
_chem_comp.name
_chem_comp.formula
MLI non-polymer 'MALONATE ION' 'C3 H2 O4 -2'
NA non-polymer 'SODIUM ION' 'Na 1'
ZN non-polymer 'ZINC ION' 'Zn 2'
#
# COMPACT_ATOMS: atom_id res chain seq x y z
N PRO A 1 -14.30 9.71 -21.86
CA PRO A 1 -12.84 9.50 -21.56
C PRO A 1 -12.35 8.15 -22.12
N GLN A 2 -11.24 8.18 -22.83
CA GLN A 2 -10.86 7.08 -23.74
C GLN A 2 -9.78 6.25 -23.05
N ALA A 3 -9.91 4.94 -23.13
CA ALA A 3 -8.89 4.06 -22.63
C ALA A 3 -7.62 4.19 -23.37
N LYS A 4 -6.49 4.11 -22.69
CA LYS A 4 -5.20 3.92 -23.33
C LYS A 4 -4.73 2.47 -23.15
N TYR A 5 -3.90 2.01 -24.09
CA TYR A 5 -3.53 0.59 -24.15
C TYR A 5 -2.05 0.43 -24.19
N ARG A 6 -1.59 -0.54 -23.43
CA ARG A 6 -0.15 -0.81 -23.37
C ARG A 6 0.49 -1.15 -24.72
N HIS A 7 -0.25 -1.88 -25.54
CA HIS A 7 0.24 -2.31 -26.84
C HIS A 7 0.34 -1.14 -27.81
N ASP A 8 -0.19 0.01 -27.47
CA ASP A 8 -0.05 1.20 -28.30
C ASP A 8 1.14 2.01 -27.98
N TYR A 9 2.01 1.61 -27.07
CA TYR A 9 3.21 2.40 -26.77
C TYR A 9 4.03 2.67 -28.02
N ARG A 10 4.47 3.90 -28.21
CA ARG A 10 5.44 4.25 -29.23
C ARG A 10 6.41 5.30 -28.70
N ALA A 11 7.67 5.19 -29.09
CA ALA A 11 8.69 6.16 -28.70
C ALA A 11 8.25 7.59 -29.10
N PRO A 12 8.58 8.60 -28.27
CA PRO A 12 8.07 9.95 -28.53
C PRO A 12 8.70 10.55 -29.81
N ASP A 13 7.89 11.36 -30.50
CA ASP A 13 8.35 12.07 -31.69
C ASP A 13 9.40 13.12 -31.32
N TYR A 14 9.32 13.68 -30.12
CA TYR A 14 10.22 14.67 -29.62
C TYR A 14 10.72 14.33 -28.25
N GLN A 15 11.97 14.60 -27.97
CA GLN A 15 12.50 14.59 -26.61
C GLN A 15 12.78 15.96 -26.12
N ILE A 16 12.79 16.09 -24.81
CA ILE A 16 13.24 17.30 -24.13
C ILE A 16 14.42 16.89 -23.30
N THR A 17 15.54 17.61 -23.38
CA THR A 17 16.78 17.22 -22.75
C THR A 17 17.06 18.02 -21.51
N ASP A 18 16.61 19.27 -21.47
CA ASP A 18 16.88 20.22 -20.41
C ASP A 18 15.71 21.16 -20.30
N ILE A 19 15.30 21.47 -19.09
CA ILE A 19 14.25 22.43 -18.82
C ILE A 19 14.64 23.35 -17.69
N ASP A 20 14.43 24.63 -17.93
CA ASP A 20 14.67 25.72 -16.98
CA ASP A 20 14.63 25.68 -16.94
C ASP A 20 13.31 26.32 -16.60
N LEU A 21 12.91 26.15 -15.38
CA LEU A 21 11.59 26.60 -14.92
C LEU A 21 11.76 27.81 -14.05
N THR A 22 10.86 28.76 -14.18
CA THR A 22 10.79 29.87 -13.21
C THR A 22 9.36 29.94 -12.69
N PHE A 23 9.17 30.03 -11.37
CA PHE A 23 7.89 30.15 -10.80
C PHE A 23 7.83 31.51 -10.11
N ASP A 24 6.90 32.36 -10.54
CA ASP A 24 6.54 33.54 -9.78
C ASP A 24 5.35 33.17 -8.91
N LEU A 25 5.64 32.82 -7.68
CA LEU A 25 4.71 32.08 -6.86
C LEU A 25 3.77 32.96 -6.11
N ASP A 26 2.48 32.64 -6.20
CA ASP A 26 1.41 33.26 -5.44
C ASP A 26 0.24 32.26 -5.38
N ALA A 27 -0.42 32.18 -4.23
CA ALA A 27 -1.52 31.21 -4.10
C ALA A 27 -2.65 31.42 -5.07
N GLN A 28 -2.99 32.67 -5.36
CA GLN A 28 -4.06 32.92 -6.31
C GLN A 28 -3.65 32.84 -7.74
N LYS A 29 -2.47 33.33 -8.06
CA LYS A 29 -2.00 33.29 -9.44
C LYS A 29 -0.51 33.14 -9.52
N THR A 30 -0.09 31.96 -9.94
CA THR A 30 1.30 31.65 -10.17
C THR A 30 1.62 31.71 -11.60
N VAL A 31 2.74 32.34 -11.93
CA VAL A 31 3.14 32.45 -13.29
C VAL A 31 4.35 31.53 -13.52
N VAL A 32 4.25 30.64 -14.49
CA VAL A 32 5.28 29.65 -14.76
C VAL A 32 5.91 30.00 -16.08
N THR A 33 7.23 30.11 -16.12
CA THR A 33 7.99 30.28 -17.37
C THR A 33 8.83 29.01 -17.52
N ALA A 34 8.72 28.31 -18.62
CA ALA A 34 9.39 27.03 -18.85
C ALA A 34 10.15 27.10 -20.16
N VAL A 35 11.46 26.97 -20.10
CA VAL A 35 12.31 27.02 -21.26
C VAL A 35 12.90 25.64 -21.45
N SER A 36 12.48 24.93 -22.47
CA SER A 36 12.88 23.54 -22.72
C SER A 36 13.75 23.43 -23.98
N GLN A 37 14.78 22.64 -23.91
CA GLN A 37 15.59 22.31 -25.07
C GLN A 37 15.10 21.00 -25.65
N ALA A 38 14.59 21.07 -26.87
CA ALA A 38 13.94 19.94 -27.53
C ALA A 38 14.69 19.45 -28.74
N VAL A 39 14.47 18.20 -29.02
CA VAL A 39 15.05 17.47 -30.16
C VAL A 39 14.00 16.59 -30.80
N ARG A 40 13.85 16.70 -32.13
CA ARG A 40 12.92 15.89 -32.89
C ARG A 40 13.61 14.58 -33.24
N HIS A 41 12.95 13.47 -32.89
CA HIS A 41 13.28 12.13 -33.26
C HIS A 41 12.37 11.54 -34.32
N GLY A 42 11.10 11.91 -34.38
CA GLY A 42 10.24 11.37 -35.42
C GLY A 42 10.34 12.09 -36.75
N ALA A 43 9.24 12.01 -37.49
CA ALA A 43 9.19 12.49 -38.85
C ALA A 43 9.21 13.97 -38.82
N SER A 44 9.80 14.55 -39.87
CA SER A 44 9.97 15.99 -39.97
CA SER A 44 9.98 15.98 -39.89
C SER A 44 8.68 16.71 -39.94
N ASP A 45 7.60 16.09 -40.38
CA ASP A 45 6.34 16.78 -40.43
C ASP A 45 5.40 16.57 -39.19
N ALA A 46 5.92 15.88 -38.19
CA ALA A 46 5.13 15.53 -37.00
CA ALA A 46 5.13 15.53 -37.00
C ALA A 46 5.14 16.77 -36.07
N PRO A 47 4.01 17.11 -35.50
CA PRO A 47 3.97 18.27 -34.59
C PRO A 47 4.41 17.86 -33.21
N LEU A 48 4.76 18.82 -32.39
CA LEU A 48 5.06 18.54 -30.98
C LEU A 48 3.76 18.62 -30.25
N ARG A 49 3.39 17.55 -29.56
CA ARG A 49 2.16 17.53 -28.83
C ARG A 49 2.40 17.59 -27.34
N LEU A 50 2.08 18.70 -26.69
CA LEU A 50 2.35 18.86 -25.30
C LEU A 50 1.07 18.59 -24.50
N ASN A 51 1.16 17.94 -23.37
CA ASN A 51 0.04 17.84 -22.46
C ASN A 51 -0.12 19.04 -21.60
N GLY A 52 -1.37 19.40 -21.28
CA GLY A 52 -1.62 20.49 -20.36
C GLY A 52 -3.05 20.44 -19.88
N GLU A 53 -3.24 20.71 -18.60
CA GLU A 53 -4.57 20.71 -17.99
C GLU A 53 -4.76 21.97 -17.15
N ASP A 54 -5.84 22.70 -17.44
CA ASP A 54 -6.26 23.89 -16.69
CA ASP A 54 -6.24 23.89 -16.69
C ASP A 54 -5.15 24.92 -16.60
N LEU A 55 -4.53 25.23 -17.74
CA LEU A 55 -3.44 26.20 -17.76
C LEU A 55 -3.97 27.42 -18.52
N LYS A 56 -3.52 28.59 -18.15
CA LYS A 56 -3.84 29.83 -18.93
C LYS A 56 -2.62 30.17 -19.68
N LEU A 57 -2.66 29.92 -20.99
CA LEU A 57 -1.44 30.16 -21.85
C LEU A 57 -1.25 31.63 -22.06
N VAL A 58 -0.07 32.13 -21.79
CA VAL A 58 0.27 33.55 -22.02
C VAL A 58 1.07 33.72 -23.29
N SER A 59 2.05 32.85 -23.54
CA SER A 59 2.86 32.93 -24.74
C SER A 59 3.65 31.67 -25.06
N VAL A 60 4.00 31.57 -26.35
CA VAL A 60 4.70 30.45 -26.94
C VAL A 60 5.77 31.01 -27.83
N HIS A 61 7.04 30.78 -27.54
CA HIS A 61 8.17 31.15 -28.40
C HIS A 61 9.01 29.94 -28.80
N ILE A 62 9.58 29.94 -29.99
CA ILE A 62 10.51 28.93 -30.47
C ILE A 62 11.74 29.65 -30.88
N ASN A 63 12.86 29.38 -30.22
CA ASN A 63 14.11 30.15 -30.38
C ASN A 63 13.87 31.64 -30.23
N ASP A 64 13.10 32.03 -29.25
CA ASP A 64 12.78 33.47 -29.02
C ASP A 64 11.90 34.14 -30.07
N GLU A 65 11.39 33.40 -31.01
CA GLU A 65 10.39 33.93 -31.99
C GLU A 65 8.97 33.61 -31.50
N PRO A 66 8.12 34.65 -31.26
CA PRO A 66 6.75 34.38 -30.95
C PRO A 66 6.16 33.46 -32.01
N TRP A 67 5.50 32.38 -31.59
CA TRP A 67 5.15 31.36 -32.56
C TRP A 67 3.71 31.49 -32.99
N THR A 68 3.43 31.29 -34.30
CA THR A 68 2.05 31.32 -34.76
C THR A 68 1.50 29.99 -35.11
N ALA A 69 2.34 29.01 -35.39
CA ALA A 69 1.87 27.71 -35.83
C ALA A 69 1.61 26.75 -34.65
N TRP A 70 0.59 27.10 -33.88
CA TRP A 70 0.15 26.24 -32.77
C TRP A 70 -1.35 26.31 -32.59
N LYS A 71 -1.89 25.33 -31.88
CA LYS A 71 -3.28 25.33 -31.50
C LYS A 71 -3.46 24.63 -30.15
N GLU A 72 -4.34 25.14 -29.33
CA GLU A 72 -4.77 24.44 -28.13
C GLU A 72 -5.95 23.54 -28.47
N GLU A 73 -5.89 22.32 -27.98
CA GLU A 73 -7.02 21.35 -28.07
CA GLU A 73 -6.98 21.34 -28.11
C GLU A 73 -7.21 20.75 -26.69
N GLU A 74 -8.22 19.89 -26.56
CA GLU A 74 -8.57 19.32 -25.26
C GLU A 74 -7.32 18.66 -24.67
N GLY A 75 -6.88 19.15 -23.55
CA GLY A 75 -5.76 18.50 -22.82
C GLY A 75 -4.40 18.75 -23.48
N ALA A 76 -4.30 19.65 -24.49
CA ALA A 76 -3.08 19.67 -25.31
C ALA A 76 -2.72 21.03 -25.92
N LEU A 77 -1.46 21.23 -26.20
CA LEU A 77 -0.95 22.32 -27.05
C LEU A 77 -0.18 21.63 -28.14
N VAL A 78 -0.56 21.89 -29.40
CA VAL A 78 -0.04 21.18 -30.52
C VAL A 78 0.74 22.19 -31.34
N ILE A 79 2.02 21.97 -31.47
CA ILE A 79 2.93 22.96 -32.05
C ILE A 79 3.51 22.39 -33.32
N SER A 80 3.23 23.08 -34.44
CA SER A 80 3.66 22.62 -35.77
C SER A 80 4.90 23.36 -36.35
N ASN A 81 5.46 22.73 -37.42
CA ASN A 81 6.46 23.36 -38.30
C ASN A 81 7.77 23.69 -37.59
N LEU A 82 8.28 22.75 -36.82
CA LEU A 82 9.41 23.00 -36.01
C LEU A 82 10.75 22.60 -36.62
N PRO A 83 11.83 23.22 -36.19
CA PRO A 83 13.14 22.72 -36.54
C PRO A 83 13.45 21.42 -35.83
N GLU A 84 14.55 20.82 -36.19
CA GLU A 84 14.94 19.54 -35.61
C GLU A 84 15.41 19.67 -34.18
N ARG A 85 16.00 20.80 -33.85
CA ARG A 85 16.46 21.18 -32.51
C ARG A 85 16.06 22.59 -32.21
N PHE A 86 15.56 22.86 -31.03
CA PHE A 86 15.08 24.19 -30.73
C PHE A 86 14.85 24.42 -29.30
N THR A 87 14.74 25.67 -28.94
CA THR A 87 14.37 26.11 -27.58
C THR A 87 12.90 26.49 -27.56
N LEU A 88 12.09 25.82 -26.74
CA LEU A 88 10.69 26.13 -26.56
C LEU A 88 10.56 26.96 -25.34
N LYS A 89 9.85 28.09 -25.37
CA LYS A 89 9.55 28.88 -24.17
C LYS A 89 8.03 29.01 -24.04
N ILE A 90 7.51 28.53 -22.92
CA ILE A 90 6.09 28.62 -22.63
C ILE A 90 5.93 29.48 -21.39
N ILE A 91 5.04 30.49 -21.39
CA ILE A 91 4.63 31.16 -20.22
C ILE A 91 3.14 30.84 -20.00
N ASN A 92 2.76 30.49 -18.77
CA ASN A 92 1.35 30.15 -18.41
C ASN A 92 1.04 30.44 -17.00
N GLU A 93 -0.24 30.58 -16.70
CA GLU A 93 -0.66 30.84 -15.36
C GLU A 93 -1.49 29.67 -14.82
N ILE A 94 -1.37 29.48 -13.49
CA ILE A 94 -2.11 28.46 -12.76
C ILE A 94 -2.56 29.08 -11.43
N SER A 95 -3.46 28.39 -10.72
CA SER A 95 -4.08 28.97 -9.50
C SER A 95 -4.03 27.92 -8.37
N PRO A 96 -2.98 27.95 -7.56
CA PRO A 96 -2.84 26.88 -6.54
C PRO A 96 -3.98 26.79 -5.55
N ALA A 97 -4.49 27.95 -5.14
CA ALA A 97 -5.61 28.07 -4.19
C ALA A 97 -6.89 27.42 -4.71
N ALA A 98 -7.13 27.39 -6.00
CA ALA A 98 -8.28 26.67 -6.58
C ALA A 98 -8.12 25.16 -6.70
N ASN A 99 -6.94 24.62 -6.43
CA ASN A 99 -6.64 23.24 -6.70
C ASN A 99 -7.06 22.30 -5.57
N THR A 100 -8.32 21.91 -5.55
CA THR A 100 -8.86 21.13 -4.47
C THR A 100 -8.52 19.64 -4.75
N ALA A 101 -8.13 19.31 -5.97
CA ALA A 101 -7.86 17.91 -6.36
C ALA A 101 -6.46 17.47 -5.83
N LEU A 102 -5.61 18.43 -5.48
CA LEU A 102 -4.29 18.16 -4.91
C LEU A 102 -3.39 17.41 -5.88
N GLU A 103 -3.44 17.82 -7.14
CA GLU A 103 -2.67 17.28 -8.21
C GLU A 103 -2.08 18.47 -8.94
N GLY A 104 -0.77 18.50 -9.16
CA GLY A 104 -0.10 19.65 -9.63
C GLY A 104 0.47 20.47 -8.49
N LEU A 105 0.39 21.77 -8.63
CA LEU A 105 0.78 22.76 -7.59
C LEU A 105 -0.43 23.23 -6.76
N TYR A 106 -0.43 22.97 -5.49
CA TYR A 106 -1.58 23.28 -4.65
C TYR A 106 -1.16 23.79 -3.30
N GLN A 107 -2.15 24.12 -2.49
CA GLN A 107 -1.95 24.62 -1.15
C GLN A 107 -2.24 23.59 -0.09
N SER A 108 -1.31 23.41 0.82
CA SER A 108 -1.47 22.55 2.04
C SER A 108 -1.33 23.41 3.24
N GLY A 109 -2.49 23.84 3.79
CA GLY A 109 -2.51 24.85 4.88
C GLY A 109 -1.97 26.16 4.29
N ASP A 110 -0.85 26.67 4.83
CA ASP A 110 -0.26 27.88 4.33
C ASP A 110 0.91 27.60 3.37
N ALA A 111 1.28 26.33 3.23
CA ALA A 111 2.37 25.95 2.32
C ALA A 111 1.85 25.77 0.90
N LEU A 112 2.75 25.93 -0.06
CA LEU A 112 2.52 25.52 -1.40
C LEU A 112 3.41 24.30 -1.70
N CYS A 113 2.81 23.28 -2.33
CA CYS A 113 3.55 22.07 -2.60
C CYS A 113 3.01 21.39 -3.85
N THR A 114 3.75 20.44 -4.33
CA THR A 114 3.38 19.76 -5.56
C THR A 114 3.10 18.27 -5.38
N GLN A 115 2.24 17.74 -6.28
CA GLN A 115 2.20 16.26 -6.52
C GLN A 115 2.12 16.05 -8.01
N CYS A 116 3.18 15.45 -8.58
CA CYS A 116 3.28 15.28 -10.02
C CYS A 116 2.98 13.86 -10.51
N GLU A 117 3.14 12.85 -9.68
CA GLU A 117 2.86 11.50 -10.15
C GLU A 117 1.35 11.22 -10.11
N ALA A 118 0.77 10.57 -11.12
CA ALA A 118 1.37 10.17 -12.40
C ALA A 118 1.52 11.29 -13.43
N GLU A 119 0.46 12.07 -13.57
CA GLU A 119 0.32 13.05 -14.67
C GLU A 119 -0.08 14.40 -14.20
N GLY A 120 0.58 14.84 -13.13
CA GLY A 120 0.31 16.10 -12.48
C GLY A 120 1.14 17.28 -13.01
N PHE A 121 2.29 17.00 -13.62
CA PHE A 121 3.13 18.12 -14.07
C PHE A 121 2.45 18.92 -15.20
N ARG A 122 1.59 18.25 -15.97
CA ARG A 122 0.82 18.92 -16.98
C ARG A 122 -0.22 19.89 -16.42
N HIS A 123 -0.51 19.81 -15.12
CA HIS A 123 -1.28 20.87 -14.47
C HIS A 123 -0.44 22.09 -14.07
N ILE A 124 0.85 22.05 -14.33
CA ILE A 124 1.75 23.15 -13.99
C ILE A 124 2.22 23.90 -15.25
N THR A 125 2.60 23.16 -16.29
CA THR A 125 2.91 23.77 -17.58
C THR A 125 2.64 22.74 -18.71
N TYR A 126 2.73 23.19 -19.96
CA TYR A 126 2.54 22.36 -21.14
C TYR A 126 3.86 21.58 -21.35
N TYR A 127 3.79 20.27 -21.32
CA TYR A 127 4.99 19.47 -21.32
C TYR A 127 4.78 18.09 -21.92
N LEU A 128 5.91 17.41 -22.16
CA LEU A 128 5.89 16.02 -22.54
C LEU A 128 5.73 15.19 -21.25
N ASP A 129 4.50 15.11 -20.75
CA ASP A 129 4.24 14.51 -19.45
C ASP A 129 4.09 13.03 -19.54
N ARG A 130 5.23 12.38 -19.80
CA ARG A 130 5.33 10.96 -19.97
C ARG A 130 6.74 10.53 -19.50
N PRO A 131 6.85 9.35 -18.83
CA PRO A 131 8.02 9.11 -18.07
C PRO A 131 9.25 8.59 -18.83
N ASP A 132 9.12 8.39 -20.14
CA ASP A 132 10.25 8.07 -21.00
C ASP A 132 10.88 9.37 -21.56
N VAL A 133 10.38 10.54 -21.15
CA VAL A 133 11.08 11.81 -21.47
C VAL A 133 11.81 12.29 -20.21
N LEU A 134 13.13 12.18 -20.23
CA LEU A 134 13.96 12.52 -19.08
CA LEU A 134 14.00 12.47 -19.11
C LEU A 134 14.80 13.77 -19.42
N ALA A 135 14.72 14.77 -18.54
CA ALA A 135 15.34 16.07 -18.82
C ALA A 135 16.05 16.53 -17.52
N ARG A 136 17.09 17.34 -17.70
CA ARG A 136 17.82 18.02 -16.59
C ARG A 136 17.08 19.26 -16.23
N PHE A 137 16.63 19.34 -15.00
CA PHE A 137 15.85 20.45 -14.50
C PHE A 137 16.75 21.50 -13.79
N THR A 138 16.40 22.78 -13.94
CA THR A 138 16.81 23.85 -13.13
C THR A 138 15.53 24.57 -12.78
N THR A 139 15.39 25.01 -11.54
CA THR A 139 14.16 25.54 -11.02
C THR A 139 14.38 26.77 -10.20
N LYS A 140 13.90 27.93 -10.67
CA LYS A 140 13.94 29.18 -9.95
C LYS A 140 12.57 29.49 -9.39
N ILE A 141 12.54 29.78 -8.12
CA ILE A 141 11.31 30.06 -7.37
C ILE A 141 11.42 31.47 -6.80
N ILE A 142 10.41 32.27 -7.09
CA ILE A 142 10.33 33.68 -6.65
C ILE A 142 9.09 33.80 -5.82
N ALA A 143 9.21 34.33 -4.59
CA ALA A 143 8.05 34.48 -3.74
C ALA A 143 8.25 35.50 -2.61
N ASP A 144 7.10 35.81 -2.00
CA ASP A 144 7.08 36.62 -0.75
C ASP A 144 7.90 36.00 0.34
N LYS A 145 8.89 36.75 0.84
CA LYS A 145 9.84 36.18 1.80
C LYS A 145 9.23 35.87 3.14
N ILE A 146 8.28 36.69 3.59
CA ILE A 146 7.69 36.48 4.90
C ILE A 146 6.77 35.27 4.86
N LYS A 147 5.95 35.18 3.82
CA LYS A 147 5.06 34.01 3.73
C LYS A 147 5.82 32.72 3.39
N TYR A 148 6.82 32.84 2.53
CA TYR A 148 7.54 31.66 2.02
C TYR A 148 9.03 31.76 2.19
N PRO A 149 9.47 31.69 3.42
CA PRO A 149 10.91 31.79 3.68
C PRO A 149 11.77 30.63 3.18
N PHE A 150 11.16 29.45 3.00
CA PHE A 150 11.82 28.27 2.45
C PHE A 150 11.24 28.00 1.06
N LEU A 151 12.12 28.01 0.06
CA LEU A 151 11.76 27.75 -1.35
C LEU A 151 12.61 26.57 -1.80
N LEU A 152 11.95 25.40 -1.96
CA LEU A 152 12.64 24.15 -2.13
C LEU A 152 12.27 23.52 -3.52
N SER A 153 13.27 23.01 -4.21
CA SER A 153 13.06 22.12 -5.34
C SER A 153 14.17 21.03 -5.32
N ASN A 154 14.10 20.12 -6.29
CA ASN A 154 15.03 19.01 -6.39
C ASN A 154 16.48 19.50 -6.55
N GLY A 155 17.40 18.84 -5.87
CA GLY A 155 18.78 18.98 -6.08
C GLY A 155 19.51 19.88 -5.10
N ASN A 156 20.34 20.78 -5.62
CA ASN A 156 21.14 21.72 -4.81
C ASN A 156 20.88 23.16 -5.22
N ARG A 157 21.06 24.07 -4.30
CA ARG A 157 20.95 25.49 -4.63
C ARG A 157 22.14 25.97 -5.45
N VAL A 158 21.86 26.64 -6.53
CA VAL A 158 22.88 27.18 -7.37
C VAL A 158 22.83 28.74 -7.41
N ALA A 159 21.74 29.35 -7.03
CA ALA A 159 21.64 30.79 -7.06
C ALA A 159 20.57 31.24 -6.10
N GLN A 160 20.67 32.47 -5.61
CA GLN A 160 19.77 33.00 -4.60
C GLN A 160 19.80 34.50 -4.81
N GLY A 161 18.69 35.15 -4.54
CA GLY A 161 18.70 36.63 -4.53
C GLY A 161 17.50 37.21 -3.83
N GLU A 162 17.56 38.52 -3.65
CA GLU A 162 16.46 39.25 -2.99
C GLU A 162 16.00 40.31 -4.00
N LEU A 163 14.73 40.65 -3.97
CA LEU A 163 14.15 41.60 -4.89
C LEU A 163 13.45 42.69 -4.07
N GLU A 164 12.98 43.69 -4.79
CA GLU A 164 12.06 44.68 -4.21
C GLU A 164 10.72 44.07 -3.75
N ASN A 165 10.14 44.81 -2.80
CA ASN A 165 8.82 44.54 -2.31
C ASN A 165 8.72 43.25 -1.59
N GLY A 166 9.76 42.89 -0.89
CA GLY A 166 9.65 41.79 0.04
C GLY A 166 9.73 40.39 -0.60
N ARG A 167 10.17 40.30 -1.84
CA ARG A 167 10.25 39.00 -2.53
C ARG A 167 11.68 38.55 -2.51
N HIS A 168 11.86 37.22 -2.57
CA HIS A 168 13.18 36.66 -2.73
C HIS A 168 13.10 35.43 -3.63
N TRP A 169 14.25 34.88 -3.96
CA TRP A 169 14.25 33.76 -4.92
C TRP A 169 15.42 32.85 -4.64
N VAL A 170 15.21 31.59 -5.01
CA VAL A 170 16.23 30.54 -4.90
C VAL A 170 16.15 29.73 -6.16
N GLN A 171 17.27 29.39 -6.77
CA GLN A 171 17.33 28.52 -7.91
C GLN A 171 18.07 27.24 -7.55
N TRP A 172 17.49 26.15 -8.02
CA TRP A 172 17.92 24.78 -7.75
C TRP A 172 18.31 24.07 -9.07
N GLN A 173 19.27 23.15 -8.98
CA GLN A 173 19.63 22.32 -10.06
CA GLN A 173 19.71 22.29 -10.08
C GLN A 173 19.82 20.89 -9.59
N ASP A 174 19.36 19.96 -10.41
CA ASP A 174 19.47 18.53 -10.13
C ASP A 174 20.17 17.96 -11.34
N PRO A 175 21.37 17.38 -11.17
CA PRO A 175 22.07 16.91 -12.34
C PRO A 175 21.51 15.71 -12.99
N PHE A 176 20.67 14.93 -12.29
CA PHE A 176 20.20 13.68 -12.88
C PHE A 176 18.97 13.94 -13.75
N PRO A 177 19.01 13.56 -15.03
CA PRO A 177 17.81 13.62 -15.86
C PRO A 177 16.68 12.88 -15.22
N LYS A 178 15.50 13.50 -15.26
CA LYS A 178 14.33 12.87 -14.67
C LYS A 178 13.09 13.06 -15.53
N PRO A 179 12.18 12.09 -15.43
CA PRO A 179 10.79 12.34 -15.91
C PRO A 179 10.14 13.38 -15.02
N CYS A 180 9.19 14.14 -15.57
CA CYS A 180 8.59 15.20 -14.85
C CYS A 180 7.76 14.77 -13.63
N TYR A 181 7.36 13.49 -13.54
CA TYR A 181 6.60 13.04 -12.39
C TYR A 181 7.43 13.14 -11.12
N LEU A 182 8.76 13.28 -11.24
CA LEU A 182 9.65 13.39 -10.09
C LEU A 182 10.03 14.81 -9.75
N PHE A 183 9.49 15.78 -10.48
CA PHE A 183 9.66 17.20 -10.13
C PHE A 183 8.91 17.48 -8.80
N ALA A 184 9.52 18.31 -7.96
CA ALA A 184 8.81 18.82 -6.83
C ALA A 184 9.18 20.27 -6.51
N LEU A 185 8.21 20.95 -5.90
CA LEU A 185 8.43 22.30 -5.40
C LEU A 185 7.67 22.40 -4.13
N VAL A 186 8.31 23.06 -3.15
CA VAL A 186 7.69 23.37 -1.88
C VAL A 186 8.05 24.81 -1.49
N ALA A 187 7.09 25.54 -0.95
CA ALA A 187 7.32 26.92 -0.47
C ALA A 187 6.53 27.05 0.81
N GLY A 188 7.18 27.55 1.82
CA GLY A 188 6.49 27.77 3.10
C GLY A 188 7.39 28.12 4.23
N ASP A 189 6.81 28.08 5.41
CA ASP A 189 7.52 28.44 6.67
C ASP A 189 7.49 27.16 7.51
N PHE A 190 8.64 26.62 7.85
CA PHE A 190 8.74 25.33 8.50
C PHE A 190 9.72 25.39 9.67
N ASP A 191 9.58 24.46 10.61
CA ASP A 191 10.69 24.08 11.46
C ASP A 191 11.45 22.98 10.68
N VAL A 192 12.77 22.91 10.86
CA VAL A 192 13.61 22.01 10.12
C VAL A 192 14.50 21.25 11.07
N LEU A 193 14.41 19.93 11.03
CA LEU A 193 15.28 19.00 11.75
C LEU A 193 16.41 18.69 10.82
N ARG A 194 17.65 18.98 11.26
CA ARG A 194 18.81 18.81 10.35
C ARG A 194 19.74 17.78 10.91
N ASP A 195 20.24 16.87 10.07
CA ASP A 195 21.17 15.80 10.54
C ASP A 195 22.06 15.48 9.35
N THR A 196 22.92 14.48 9.51
CA THR A 196 23.78 14.03 8.40
CA THR A 196 23.89 14.07 8.51
C THR A 196 23.91 12.56 8.41
N PHE A 197 24.21 12.01 7.23
CA PHE A 197 24.52 10.63 7.04
C PHE A 197 25.77 10.58 6.19
N THR A 198 26.75 9.78 6.56
CA THR A 198 27.94 9.57 5.71
C THR A 198 27.90 8.21 5.07
N THR A 199 27.93 8.18 3.76
CA THR A 199 27.76 6.91 3.04
C THR A 199 29.00 6.05 3.26
N ARG A 200 28.89 4.80 2.88
CA ARG A 200 29.91 3.81 3.11
C ARG A 200 31.26 4.33 2.45
N SER A 201 31.18 4.91 1.27
CA SER A 201 32.34 5.43 0.53
C SER A 201 32.79 6.82 0.98
N GLY A 202 32.07 7.46 1.87
CA GLY A 202 32.46 8.70 2.53
C GLY A 202 31.73 9.90 1.99
N ARG A 203 30.62 9.77 1.24
CA ARG A 203 29.92 10.94 0.74
C ARG A 203 29.11 11.46 1.91
N GLU A 204 29.25 12.75 2.23
CA GLU A 204 28.47 13.32 3.35
CA GLU A 204 28.45 13.34 3.30
C GLU A 204 27.12 13.87 2.81
N VAL A 205 26.03 13.47 3.45
CA VAL A 205 24.71 13.85 2.96
C VAL A 205 24.00 14.64 4.02
N ALA A 206 23.61 15.88 3.68
CA ALA A 206 22.82 16.67 4.59
C ALA A 206 21.38 16.17 4.58
N LEU A 207 20.82 15.88 5.74
CA LEU A 207 19.43 15.38 5.90
C LEU A 207 18.61 16.47 6.49
N GLU A 208 17.49 16.80 5.86
CA GLU A 208 16.64 17.89 6.30
C GLU A 208 15.17 17.51 6.25
N LEU A 209 14.56 17.51 7.40
CA LEU A 209 13.12 17.24 7.57
C LEU A 209 12.42 18.54 7.90
N TYR A 210 11.50 18.95 7.04
CA TYR A 210 10.71 20.13 7.17
C TYR A 210 9.35 19.76 7.67
N VAL A 211 8.91 20.41 8.73
CA VAL A 211 7.61 20.13 9.36
C VAL A 211 7.01 21.47 9.74
N ASP A 212 5.70 21.46 9.92
CA ASP A 212 5.03 22.64 10.29
C ASP A 212 5.58 23.16 11.66
N ARG A 213 5.55 24.49 11.83
CA ARG A 213 6.02 25.08 13.04
C ARG A 213 5.31 24.43 14.25
N GLY A 214 6.10 24.02 15.22
CA GLY A 214 5.62 23.45 16.44
C GLY A 214 5.68 21.95 16.41
N ASN A 215 6.17 21.31 15.32
CA ASN A 215 6.15 19.83 15.22
C ASN A 215 7.50 19.23 15.32
N LEU A 216 8.54 19.94 15.75
CA LEU A 216 9.83 19.26 15.86
C LEU A 216 9.92 18.17 16.84
N ASP A 217 9.08 18.26 17.85
CA ASP A 217 8.99 17.21 18.88
C ASP A 217 8.58 15.83 18.27
N ARG A 218 7.96 15.88 17.09
CA ARG A 218 7.49 14.67 16.41
C ARG A 218 8.34 14.23 15.22
N ALA A 219 9.51 14.81 15.05
CA ALA A 219 10.40 14.50 13.87
C ALA A 219 11.51 13.48 14.05
N PRO A 220 12.05 13.28 15.28
CA PRO A 220 13.27 12.48 15.33
C PRO A 220 13.16 11.04 14.89
N TRP A 221 11.99 10.42 15.10
CA TRP A 221 11.85 9.00 14.65
C TRP A 221 11.94 8.88 13.09
N ALA A 222 11.37 9.83 12.37
CA ALA A 222 11.39 9.77 10.87
C ALA A 222 12.83 9.99 10.43
N MET A 223 13.56 10.89 11.13
CA MET A 223 14.98 11.06 10.77
C MET A 223 15.81 9.84 11.03
N THR A 224 15.56 9.18 12.22
CA THR A 224 16.22 7.94 12.55
C THR A 224 15.99 6.85 11.48
N SER A 225 14.73 6.76 11.07
CA SER A 225 14.33 5.74 10.07
C SER A 225 14.96 6.05 8.72
N LEU A 226 15.09 7.35 8.39
CA LEU A 226 15.83 7.71 7.15
C LEU A 226 17.26 7.21 7.17
N LYS A 227 17.96 7.44 8.29
CA LYS A 227 19.31 6.96 8.37
C LYS A 227 19.38 5.40 8.39
N ASN A 228 18.41 4.77 9.07
CA ASN A 228 18.31 3.33 9.06
C ASN A 228 18.14 2.81 7.65
N SER A 229 17.28 3.50 6.87
N SER A 229 17.30 3.48 6.86
CA SER A 229 17.02 3.12 5.47
CA SER A 229 17.05 3.03 5.49
C SER A 229 18.27 3.24 4.61
C SER A 229 18.25 3.24 4.58
N MET A 230 19.01 4.32 4.79
CA MET A 230 20.21 4.50 4.00
C MET A 230 21.27 3.47 4.33
N LYS A 231 21.45 3.19 5.60
CA LYS A 231 22.39 2.12 6.00
C LYS A 231 21.99 0.74 5.47
N TRP A 232 20.70 0.42 5.59
CA TRP A 232 20.24 -0.88 5.14
C TRP A 232 20.42 -1.04 3.62
N ASP A 233 20.09 0.00 2.84
CA ASP A 233 20.20 -0.16 1.41
C ASP A 233 21.67 -0.42 1.02
N GLU A 234 22.61 0.20 1.75
CA GLU A 234 24.07 -0.11 1.58
C GLU A 234 24.39 -1.57 1.94
N GLU A 235 23.93 -2.00 3.10
CA GLU A 235 24.26 -3.33 3.60
C GLU A 235 23.63 -4.42 2.74
N ARG A 236 22.36 -4.29 2.43
CA ARG A 236 21.65 -5.39 1.74
C ARG A 236 21.78 -5.36 0.24
N PHE A 237 21.64 -4.18 -0.38
CA PHE A 237 21.63 -4.03 -1.80
C PHE A 237 22.90 -3.34 -2.41
N GLY A 238 23.79 -2.87 -1.56
CA GLY A 238 25.02 -2.20 -2.01
C GLY A 238 24.78 -0.86 -2.66
N LEU A 239 23.71 -0.19 -2.26
CA LEU A 239 23.32 1.08 -2.91
C LEU A 239 23.51 2.22 -1.97
N GLU A 240 24.14 3.31 -2.45
CA GLU A 240 24.32 4.49 -1.72
C GLU A 240 23.51 5.66 -2.31
N TYR A 241 23.19 6.63 -1.47
CA TYR A 241 22.66 7.88 -1.96
C TYR A 241 23.64 8.62 -2.85
N ASP A 242 23.07 9.36 -3.82
CA ASP A 242 23.78 9.88 -4.99
C ASP A 242 23.80 11.40 -5.08
N LEU A 243 23.21 12.06 -4.10
CA LEU A 243 23.14 13.50 -4.05
C LEU A 243 23.69 14.00 -2.73
N ASP A 244 23.64 15.32 -2.52
CA ASP A 244 24.32 16.00 -1.40
C ASP A 244 23.37 16.33 -0.27
N ILE A 245 22.08 16.45 -0.60
CA ILE A 245 21.07 16.80 0.35
C ILE A 245 19.90 15.81 0.13
N TYR A 246 19.30 15.41 1.22
CA TYR A 246 18.08 14.59 1.23
C TYR A 246 17.03 15.39 2.03
N MET A 247 16.07 15.94 1.33
CA MET A 247 14.98 16.70 1.92
C MET A 247 13.67 15.89 1.97
N ILE A 248 12.99 15.99 3.10
CA ILE A 248 11.65 15.42 3.30
C ILE A 248 10.78 16.54 3.84
N VAL A 249 9.61 16.74 3.27
CA VAL A 249 8.68 17.77 3.74
C VAL A 249 7.37 16.99 4.11
N ALA A 250 6.94 17.17 5.33
CA ALA A 250 5.68 16.64 5.83
C ALA A 250 4.53 17.59 5.61
N VAL A 251 3.54 17.19 4.83
CA VAL A 251 2.43 18.10 4.55
C VAL A 251 1.14 17.44 4.99
N ASP A 252 0.18 18.24 5.44
CA ASP A 252 -1.10 17.67 6.01
C ASP A 252 -2.11 17.29 4.94
N PHE A 253 -2.02 17.85 3.76
CA PHE A 253 -2.96 17.64 2.67
C PHE A 253 -2.26 16.93 1.54
N PHE A 254 -2.55 15.61 1.42
CA PHE A 254 -1.82 14.81 0.49
C PHE A 254 -2.64 13.56 0.15
N ASN A 255 -2.78 13.27 -1.15
CA ASN A 255 -3.60 12.16 -1.58
C ASN A 255 -2.85 10.81 -1.50
N MET A 256 -1.55 10.81 -1.76
CA MET A 256 -0.80 9.55 -2.11
C MET A 256 0.15 8.95 -1.16
N GLY A 257 0.00 9.13 0.17
CA GLY A 257 0.86 8.41 1.07
C GLY A 257 2.20 9.17 1.23
N ALA A 258 3.09 9.00 0.28
CA ALA A 258 4.33 9.79 0.28
C ALA A 258 4.88 9.65 -1.16
N MET A 259 5.87 10.42 -1.47
CA MET A 259 6.35 10.54 -2.87
C MET A 259 7.87 10.72 -2.97
N GLU A 260 8.48 9.96 -3.85
CA GLU A 260 9.94 9.84 -3.97
C GLU A 260 10.61 10.91 -4.83
N ASN A 261 10.07 12.16 -4.90
CA ASN A 261 10.65 13.18 -5.79
C ASN A 261 12.13 13.29 -5.47
N LYS A 262 12.97 13.31 -6.51
CA LYS A 262 14.41 13.15 -6.31
C LYS A 262 14.98 14.22 -5.37
N GLY A 263 15.55 13.76 -4.26
CA GLY A 263 16.14 14.66 -3.30
C GLY A 263 15.20 15.53 -2.50
N LEU A 264 13.91 15.45 -2.78
CA LEU A 264 12.88 16.30 -2.16
C LEU A 264 11.60 15.48 -2.04
N ASN A 265 11.62 14.55 -1.13
CA ASN A 265 10.40 13.73 -0.93
C ASN A 265 9.33 14.58 -0.24
N ILE A 266 8.05 14.39 -0.63
CA ILE A 266 6.96 15.02 0.04
C ILE A 266 6.11 13.88 0.62
N PHE A 267 5.81 13.98 1.89
CA PHE A 267 5.16 12.91 2.67
C PHE A 267 3.88 13.47 3.27
N ASN A 268 2.83 12.62 3.27
CA ASN A 268 1.73 12.86 4.16
C ASN A 268 2.24 12.85 5.59
N SER A 269 1.85 13.84 6.40
CA SER A 269 2.38 13.93 7.75
CA SER A 269 2.30 13.95 7.76
C SER A 269 2.08 12.68 8.57
N LYS A 270 1.08 11.90 8.18
CA LYS A 270 0.81 10.67 8.89
C LYS A 270 2.00 9.73 8.84
N TYR A 271 2.83 9.80 7.80
CA TYR A 271 3.93 8.94 7.73
C TYR A 271 5.26 9.65 8.03
N VAL A 272 5.21 10.67 8.86
CA VAL A 272 6.37 11.31 9.42
C VAL A 272 6.21 11.50 10.94
N LEU A 273 5.10 12.10 11.40
CA LEU A 273 5.05 12.65 12.77
C LEU A 273 4.67 11.64 13.83
N ALA A 274 5.55 11.46 14.82
CA ALA A 274 5.32 10.49 15.89
C ALA A 274 5.99 11.00 17.18
N ARG A 275 5.27 10.80 18.27
CA ARG A 275 5.88 10.77 19.60
C ARG A 275 5.08 9.82 20.41
N THR A 276 5.60 9.46 21.58
CA THR A 276 5.05 8.32 22.27
C THR A 276 3.63 8.50 22.75
N ASP A 277 3.19 9.72 22.99
CA ASP A 277 1.82 9.94 23.42
C ASP A 277 0.80 10.16 22.24
N THR A 278 1.31 10.28 21.03
CA THR A 278 0.47 10.55 19.82
C THR A 278 0.43 9.36 18.86
N ALA A 279 1.44 8.47 18.88
CA ALA A 279 1.59 7.48 17.83
C ALA A 279 1.65 6.12 18.44
N THR A 280 1.10 5.11 17.76
CA THR A 280 1.19 3.74 18.24
C THR A 280 2.40 3.05 17.73
N ASP A 281 2.66 1.84 18.20
CA ASP A 281 3.72 1.01 17.64
C ASP A 281 3.56 0.84 16.13
N LYS A 282 2.34 0.59 15.73
CA LYS A 282 2.05 0.42 14.28
C LYS A 282 2.36 1.71 13.50
N ASP A 283 2.00 2.89 14.03
CA ASP A 283 2.43 4.15 13.44
C ASP A 283 3.96 4.24 13.31
N TYR A 284 4.69 3.93 14.37
CA TYR A 284 6.13 3.91 14.27
C TYR A 284 6.66 3.03 13.12
N LEU A 285 6.17 1.81 13.05
CA LEU A 285 6.60 0.87 12.05
C LEU A 285 6.12 1.21 10.64
N ASP A 286 4.97 1.88 10.52
CA ASP A 286 4.53 2.44 9.24
C ASP A 286 5.40 3.62 8.79
N ILE A 287 5.77 4.50 9.73
CA ILE A 287 6.75 5.57 9.40
C ILE A 287 8.01 4.96 8.86
N GLU A 288 8.55 4.02 9.61
CA GLU A 288 9.70 3.32 9.20
C GLU A 288 9.59 2.75 7.74
N ARG A 289 8.52 1.99 7.50
CA ARG A 289 8.20 1.41 6.19
CA ARG A 289 8.42 1.39 6.20
C ARG A 289 8.19 2.41 5.03
N VAL A 290 7.47 3.50 5.26
CA VAL A 290 7.21 4.48 4.22
C VAL A 290 8.43 5.38 3.94
N ILE A 291 9.09 5.81 5.01
CA ILE A 291 10.40 6.46 4.91
C ILE A 291 11.32 5.55 4.10
N GLY A 292 11.44 4.27 4.45
CA GLY A 292 12.27 3.34 3.70
C GLY A 292 11.87 3.25 2.23
N HIS A 293 10.59 3.01 2.02
CA HIS A 293 10.00 2.88 0.68
C HIS A 293 10.39 4.05 -0.24
N GLU A 294 10.17 5.27 0.20
CA GLU A 294 10.47 6.41 -0.67
C GLU A 294 11.98 6.50 -0.91
N TYR A 295 12.76 6.21 0.14
CA TYR A 295 14.19 6.21 -0.01
C TYR A 295 14.63 5.17 -1.04
N PHE A 296 14.10 3.94 -0.97
CA PHE A 296 14.43 2.85 -1.85
C PHE A 296 14.10 3.16 -3.32
N HIS A 297 13.10 3.99 -3.51
CA HIS A 297 12.78 4.45 -4.85
C HIS A 297 13.95 5.24 -5.52
N ASN A 298 14.88 5.78 -4.70
CA ASN A 298 15.97 6.52 -5.29
C ASN A 298 16.67 5.75 -6.39
N TRP A 299 16.80 4.43 -6.18
CA TRP A 299 17.33 3.55 -7.22
C TRP A 299 16.24 2.88 -8.01
N THR A 300 15.25 2.28 -7.31
CA THR A 300 14.21 1.49 -7.99
C THR A 300 13.04 2.41 -8.26
N GLY A 301 13.20 3.23 -9.31
CA GLY A 301 12.25 4.24 -9.68
C GLY A 301 12.86 5.54 -10.21
N ASN A 302 13.92 6.04 -9.56
CA ASN A 302 14.51 7.30 -9.99
C ASN A 302 15.73 7.06 -10.90
N ARG A 303 16.79 6.42 -10.39
CA ARG A 303 17.94 6.12 -11.24
C ARG A 303 17.53 5.21 -12.42
N VAL A 304 16.62 4.23 -12.18
CA VAL A 304 15.97 3.56 -13.28
C VAL A 304 14.48 3.83 -13.10
N THR A 305 13.88 4.49 -14.08
CA THR A 305 12.47 4.85 -14.05
C THR A 305 11.60 3.94 -14.96
N CYS A 306 10.37 4.34 -15.19
CA CYS A 306 9.38 3.57 -15.99
C CYS A 306 9.28 4.13 -17.38
N ARG A 307 9.37 3.28 -18.39
CA ARG A 307 9.14 3.69 -19.78
C ARG A 307 7.75 4.27 -20.01
N ASP A 308 6.73 3.75 -19.36
CA ASP A 308 5.38 4.17 -19.55
C ASP A 308 4.64 3.72 -18.29
N TRP A 309 3.40 4.21 -18.07
CA TRP A 309 2.76 3.96 -16.80
C TRP A 309 2.21 2.54 -16.62
N PHE A 310 2.08 1.82 -17.72
CA PHE A 310 1.70 0.44 -17.63
C PHE A 310 2.85 -0.34 -16.96
N GLN A 311 4.06 0.18 -16.95
CA GLN A 311 5.20 -0.45 -16.20
C GLN A 311 5.29 -0.03 -14.71
N LEU A 312 4.25 0.51 -14.14
CA LEU A 312 4.32 1.04 -12.80
C LEU A 312 4.84 0.01 -11.80
N SER A 313 4.46 -1.24 -11.91
CA SER A 313 4.94 -2.23 -10.95
C SER A 313 6.46 -2.47 -11.02
N LEU A 314 7.12 -2.14 -12.12
CA LEU A 314 8.57 -2.21 -12.21
C LEU A 314 9.18 -1.48 -11.03
N LYS A 315 8.65 -0.30 -10.68
CA LYS A 315 9.17 0.42 -9.53
C LYS A 315 8.37 0.08 -8.29
N GLU A 316 7.07 -0.10 -8.39
CA GLU A 316 6.27 -0.26 -7.17
C GLU A 316 6.34 -1.65 -6.54
N GLY A 317 6.25 -2.69 -7.36
CA GLY A 317 6.43 -4.07 -6.82
C GLY A 317 7.81 -4.24 -6.22
N LEU A 318 8.82 -3.74 -6.92
CA LEU A 318 10.17 -3.87 -6.49
C LEU A 318 10.45 -3.07 -5.25
N THR A 319 9.92 -1.86 -5.19
CA THR A 319 10.19 -1.03 -4.03
C THR A 319 9.39 -1.47 -2.78
N VAL A 320 8.15 -1.97 -2.96
CA VAL A 320 7.39 -2.60 -1.87
C VAL A 320 8.18 -3.84 -1.39
N PHE A 321 8.71 -4.63 -2.30
CA PHE A 321 9.56 -5.76 -1.90
C PHE A 321 10.73 -5.28 -1.03
N ARG A 322 11.37 -4.22 -1.47
CA ARG A 322 12.46 -3.66 -0.70
C ARG A 322 12.03 -3.16 0.65
N ASP A 323 10.93 -2.43 0.76
CA ASP A 323 10.45 -1.95 2.04
C ASP A 323 10.09 -3.15 2.97
N GLN A 324 9.58 -4.22 2.40
CA GLN A 324 9.27 -5.42 3.24
C GLN A 324 10.53 -6.07 3.78
N GLU A 325 11.51 -6.21 2.91
CA GLU A 325 12.80 -6.74 3.29
C GLU A 325 13.58 -5.91 4.33
N PHE A 326 13.44 -4.62 4.24
CA PHE A 326 13.96 -3.64 5.20
C PHE A 326 13.25 -3.85 6.57
N SER A 327 11.93 -3.82 6.57
CA SER A 327 11.17 -4.02 7.78
C SER A 327 11.46 -5.35 8.42
N SER A 328 11.55 -6.35 7.59
CA SER A 328 11.72 -7.69 8.03
C SER A 328 13.13 -7.95 8.58
N ASP A 329 14.11 -7.35 7.97
CA ASP A 329 15.47 -7.48 8.46
C ASP A 329 15.57 -6.72 9.79
N LEU A 330 15.12 -5.50 9.92
CA LEU A 330 15.27 -4.75 11.15
C LEU A 330 14.41 -5.24 12.27
N GLY A 331 13.23 -5.75 11.95
CA GLY A 331 12.24 -6.09 12.95
C GLY A 331 11.97 -7.59 12.97
N SER A 332 10.72 -7.95 13.15
CA SER A 332 10.31 -9.34 13.16
C SER A 332 9.99 -9.76 11.73
N ARG A 333 10.76 -10.68 11.15
CA ARG A 333 10.44 -11.11 9.82
C ARG A 333 9.09 -11.87 9.78
N ALA A 334 8.87 -12.73 10.78
CA ALA A 334 7.58 -13.44 10.81
C ALA A 334 6.41 -12.56 10.90
N VAL A 335 6.42 -11.55 11.75
CA VAL A 335 5.26 -10.64 11.88
C VAL A 335 5.06 -9.87 10.54
N ASN A 336 6.15 -9.36 9.98
CA ASN A 336 6.02 -8.69 8.65
C ASN A 336 5.40 -9.59 7.58
N ARG A 337 5.85 -10.84 7.52
CA ARG A 337 5.39 -11.73 6.47
C ARG A 337 3.93 -12.01 6.75
N ILE A 338 3.61 -12.37 7.99
CA ILE A 338 2.21 -12.61 8.38
C ILE A 338 1.31 -11.46 7.97
N ASN A 339 1.66 -10.22 8.31
CA ASN A 339 0.82 -9.10 7.96
C ASN A 339 0.72 -8.82 6.45
N ASN A 340 1.82 -9.05 5.72
CA ASN A 340 1.74 -8.89 4.28
C ASN A 340 0.89 -9.96 3.62
N VAL A 341 0.87 -11.13 4.21
CA VAL A 341 -0.03 -12.18 3.76
C VAL A 341 -1.49 -11.91 4.07
N ARG A 342 -1.77 -11.39 5.25
CA ARG A 342 -3.09 -10.91 5.58
CA ARG A 342 -3.09 -10.93 5.57
C ARG A 342 -3.62 -9.88 4.56
N THR A 343 -2.79 -8.96 4.18
CA THR A 343 -3.14 -7.98 3.14
C THR A 343 -3.40 -8.63 1.81
N MET A 344 -2.58 -9.56 1.40
CA MET A 344 -2.77 -10.21 0.15
C MET A 344 -4.09 -10.99 0.12
N ARG A 345 -4.29 -11.83 1.11
CA ARG A 345 -5.44 -12.71 1.11
C ARG A 345 -6.70 -11.97 1.41
N GLY A 346 -6.68 -10.98 2.27
N GLY A 346 -6.62 -10.96 2.25
CA GLY A 346 -7.90 -10.25 2.52
CA GLY A 346 -7.79 -10.26 2.66
C GLY A 346 -8.26 -9.16 1.53
C GLY A 346 -8.22 -9.00 1.95
N LEU A 347 -7.29 -8.34 1.24
CA LEU A 347 -7.57 -7.09 0.46
C LEU A 347 -7.22 -7.27 -0.99
N GLN A 348 -6.08 -7.85 -1.31
CA GLN A 348 -5.71 -7.95 -2.72
C GLN A 348 -6.48 -8.99 -3.48
N PHE A 349 -6.71 -10.13 -2.84
CA PHE A 349 -7.54 -11.18 -3.47
C PHE A 349 -8.94 -10.63 -3.83
N ALA A 350 -9.46 -9.79 -2.99
CA ALA A 350 -10.79 -9.19 -3.23
C ALA A 350 -10.75 -8.30 -4.50
N GLU A 351 -9.68 -7.55 -4.65
CA GLU A 351 -9.54 -6.76 -5.87
C GLU A 351 -9.43 -7.64 -7.12
N ASP A 352 -8.63 -8.74 -7.04
CA ASP A 352 -8.41 -9.62 -8.15
C ASP A 352 -9.74 -10.40 -8.53
N ALA A 353 -10.74 -10.33 -7.70
CA ALA A 353 -12.04 -11.01 -7.94
C ALA A 353 -13.12 -9.95 -8.28
N SER A 354 -12.66 -8.70 -8.48
CA SER A 354 -13.58 -7.56 -8.66
C SER A 354 -13.62 -7.12 -10.09
N PRO A 355 -14.53 -6.21 -10.41
CA PRO A 355 -14.55 -5.63 -11.77
C PRO A 355 -13.33 -4.82 -12.15
N MET A 356 -12.53 -4.36 -11.15
CA MET A 356 -11.29 -3.63 -11.39
C MET A 356 -10.09 -4.54 -11.50
N ALA A 357 -10.30 -5.87 -11.62
CA ALA A 357 -9.13 -6.78 -11.72
C ALA A 357 -8.20 -6.41 -12.86
N HIS A 358 -6.88 -6.48 -12.64
CA HIS A 358 -5.89 -6.24 -13.67
C HIS A 358 -4.67 -7.02 -13.39
N PRO A 359 -3.87 -7.25 -14.40
CA PRO A 359 -2.58 -7.87 -14.16
C PRO A 359 -1.65 -6.82 -13.48
N ILE A 360 -0.55 -7.28 -12.87
CA ILE A 360 0.39 -6.33 -12.25
C ILE A 360 0.95 -5.33 -13.26
N ARG A 361 1.02 -5.73 -14.51
CA ARG A 361 1.32 -4.81 -15.63
C ARG A 361 0.04 -4.65 -16.41
N PRO A 362 -0.74 -3.59 -16.14
CA PRO A 362 -2.02 -3.48 -16.84
C PRO A 362 -1.91 -3.35 -18.37
N ASP A 363 -2.98 -3.75 -19.05
CA ASP A 363 -3.10 -3.61 -20.47
C ASP A 363 -3.88 -2.42 -20.91
N MET A 364 -4.80 -1.97 -20.09
CA MET A 364 -5.75 -0.90 -20.44
C MET A 364 -6.04 -0.07 -19.21
N VAL A 365 -5.96 1.26 -19.40
CA VAL A 365 -6.17 2.20 -18.37
C VAL A 365 -6.92 3.39 -18.90
N ILE A 366 -7.90 3.89 -18.14
CA ILE A 366 -8.56 5.15 -18.48
C ILE A 366 -7.98 6.27 -17.68
N GLU A 367 -7.91 6.10 -16.37
CA GLU A 367 -7.27 7.06 -15.47
C GLU A 367 -6.17 6.35 -14.70
N MET A 368 -4.94 6.70 -15.00
CA MET A 368 -3.78 6.00 -14.40
C MET A 368 -3.75 6.17 -12.89
N ASN A 369 -4.37 7.20 -12.33
CA ASN A 369 -4.37 7.27 -10.88
C ASN A 369 -5.21 6.20 -10.23
N ASN A 370 -6.03 5.52 -11.02
CA ASN A 370 -6.77 4.35 -10.54
C ASN A 370 -5.97 3.09 -10.43
N PHE A 371 -4.72 3.04 -10.88
CA PHE A 371 -3.93 1.87 -10.90
C PHE A 371 -2.75 1.86 -9.90
N TYR A 372 -2.86 2.72 -8.88
CA TYR A 372 -1.94 2.68 -7.70
C TYR A 372 -2.59 1.73 -6.70
N THR A 373 -2.53 0.46 -7.05
CA THR A 373 -3.39 -0.57 -6.47
C THR A 373 -2.65 -1.62 -5.60
N LEU A 374 -3.44 -2.25 -4.72
CA LEU A 374 -3.01 -3.45 -4.04
C LEU A 374 -2.41 -4.44 -4.98
N THR A 375 -2.97 -4.54 -6.20
CA THR A 375 -2.39 -5.44 -7.20
C THR A 375 -1.00 -4.99 -7.67
N VAL A 376 -0.91 -3.75 -8.11
CA VAL A 376 0.39 -3.27 -8.65
C VAL A 376 1.50 -3.26 -7.57
N TYR A 377 1.08 -2.91 -6.37
CA TYR A 377 2.00 -2.77 -5.20
C TYR A 377 2.24 -4.13 -4.53
N GLU A 378 1.22 -4.65 -3.88
CA GLU A 378 1.40 -5.83 -3.02
CA GLU A 378 1.38 -5.83 -3.00
C GLU A 378 1.53 -7.13 -3.81
N LYS A 379 0.66 -7.36 -4.82
CA LYS A 379 0.85 -8.50 -5.66
C LYS A 379 2.16 -8.34 -6.46
N GLY A 380 2.45 -7.10 -6.88
CA GLY A 380 3.75 -6.82 -7.55
C GLY A 380 4.88 -7.33 -6.73
N ALA A 381 4.83 -7.02 -5.44
CA ALA A 381 5.92 -7.44 -4.55
C ALA A 381 5.99 -8.94 -4.36
N GLU A 382 4.83 -9.61 -4.30
CA GLU A 382 4.81 -11.12 -4.26
C GLU A 382 5.45 -11.67 -5.50
N VAL A 383 5.26 -11.03 -6.67
CA VAL A 383 5.93 -11.47 -7.86
C VAL A 383 7.47 -11.32 -7.85
N ILE A 384 7.94 -10.20 -7.34
CA ILE A 384 9.37 -10.01 -7.10
C ILE A 384 9.86 -11.08 -6.10
N ARG A 385 9.10 -11.30 -5.03
CA ARG A 385 9.47 -12.35 -4.06
C ARG A 385 9.52 -13.75 -4.64
N MET A 386 8.66 -14.05 -5.58
CA MET A 386 8.76 -15.30 -6.28
C MET A 386 10.06 -15.44 -7.08
N ILE A 387 10.51 -14.32 -7.72
CA ILE A 387 11.78 -14.30 -8.37
C ILE A 387 12.88 -14.59 -7.37
N HIS A 388 12.84 -13.93 -6.23
CA HIS A 388 13.81 -14.16 -5.15
C HIS A 388 13.77 -15.62 -4.68
N THR A 389 12.57 -16.20 -4.58
CA THR A 389 12.45 -17.61 -4.21
C THR A 389 13.09 -18.54 -5.26
N LEU A 390 12.82 -18.28 -6.52
CA LEU A 390 13.38 -19.05 -7.59
C LEU A 390 14.87 -18.91 -7.73
N LEU A 391 15.41 -17.73 -7.46
CA LEU A 391 16.84 -17.51 -7.71
C LEU A 391 17.75 -17.69 -6.51
N GLY A 392 17.25 -17.36 -5.34
CA GLY A 392 18.02 -17.25 -4.14
C GLY A 392 18.57 -15.84 -4.03
N GLU A 393 18.95 -15.45 -2.85
CA GLU A 393 19.51 -14.12 -2.60
C GLU A 393 20.71 -13.73 -3.50
N GLU A 394 21.71 -14.59 -3.56
CA GLU A 394 22.92 -14.25 -4.28
C GLU A 394 22.62 -13.99 -5.76
N ASN A 395 21.89 -14.88 -6.44
CA ASN A 395 21.53 -14.68 -7.81
C ASN A 395 20.59 -13.50 -7.98
N PHE A 396 19.70 -13.28 -7.03
CA PHE A 396 18.73 -12.15 -7.13
C PHE A 396 19.54 -10.84 -7.11
N GLN A 397 20.52 -10.76 -6.22
CA GLN A 397 21.36 -9.54 -6.15
C GLN A 397 22.20 -9.40 -7.41
N LYS A 398 22.74 -10.50 -7.96
CA LYS A 398 23.34 -10.44 -9.30
C LYS A 398 22.42 -9.85 -10.36
N GLY A 399 21.13 -10.23 -10.33
CA GLY A 399 20.15 -9.64 -11.25
C GLY A 399 19.90 -8.16 -11.00
N MET A 400 19.83 -7.74 -9.73
CA MET A 400 19.71 -6.32 -9.39
C MET A 400 20.92 -5.58 -10.00
N GLN A 401 22.11 -6.14 -9.83
CA GLN A 401 23.35 -5.50 -10.31
C GLN A 401 23.28 -5.34 -11.82
N LEU A 402 22.81 -6.36 -12.53
CA LEU A 402 22.75 -6.31 -13.98
C LEU A 402 21.68 -5.36 -14.47
N TYR A 403 20.56 -5.31 -13.76
CA TYR A 403 19.51 -4.35 -14.05
C TYR A 403 20.00 -2.89 -13.99
N PHE A 404 20.70 -2.56 -12.95
CA PHE A 404 21.26 -1.22 -12.81
C PHE A 404 22.35 -0.99 -13.83
N GLU A 405 23.22 -1.96 -14.04
CA GLU A 405 24.29 -1.77 -15.04
C GLU A 405 23.67 -1.49 -16.40
N ARG A 406 22.66 -2.23 -16.82
CA ARG A 406 21.99 -1.99 -18.09
C ARG A 406 21.15 -0.72 -18.17
N HIS A 407 20.41 -0.38 -17.12
CA HIS A 407 19.38 0.56 -17.20
C HIS A 407 19.52 1.86 -16.41
N ASP A 408 20.62 2.01 -15.66
CA ASP A 408 20.93 3.23 -14.91
CA ASP A 408 20.86 3.22 -14.91
C ASP A 408 20.81 4.41 -15.84
N GLY A 409 20.04 5.39 -15.44
CA GLY A 409 19.86 6.62 -16.27
C GLY A 409 18.80 6.53 -17.33
N SER A 410 17.99 5.47 -17.34
N SER A 410 17.96 5.51 -17.32
CA SER A 410 17.00 5.25 -18.38
CA SER A 410 16.96 5.35 -18.36
C SER A 410 15.63 4.94 -17.78
C SER A 410 15.63 4.90 -17.79
N ALA A 411 14.62 4.91 -18.66
CA ALA A 411 13.29 4.46 -18.37
C ALA A 411 13.20 3.05 -18.88
N ALA A 412 12.86 2.07 -18.06
CA ALA A 412 12.81 0.70 -18.48
C ALA A 412 11.45 0.07 -18.36
N THR A 413 11.39 -1.21 -18.69
CA THR A 413 10.11 -1.96 -18.64
C THR A 413 10.19 -3.11 -17.63
N CYS A 414 9.01 -3.60 -17.22
CA CYS A 414 8.93 -4.88 -16.45
C CYS A 414 9.71 -5.95 -17.14
N ASP A 415 9.53 -6.09 -18.44
CA ASP A 415 10.25 -7.14 -19.17
C ASP A 415 11.75 -7.01 -19.06
N ASP A 416 12.28 -5.76 -19.08
CA ASP A 416 13.73 -5.54 -18.94
C ASP A 416 14.23 -6.08 -17.60
N PHE A 417 13.47 -5.84 -16.52
CA PHE A 417 13.84 -6.31 -15.21
C PHE A 417 13.89 -7.86 -15.14
N VAL A 418 12.86 -8.48 -15.68
CA VAL A 418 12.84 -9.94 -15.71
C VAL A 418 14.00 -10.46 -16.49
N GLN A 419 14.28 -9.84 -17.66
CA GLN A 419 15.41 -10.30 -18.45
C GLN A 419 16.72 -10.18 -17.71
N ALA A 420 16.96 -9.08 -16.97
CA ALA A 420 18.16 -8.99 -16.17
C ALA A 420 18.28 -10.12 -15.16
N MET A 421 17.18 -10.41 -14.47
CA MET A 421 17.21 -11.47 -13.48
C MET A 421 17.53 -12.81 -14.15
N GLU A 422 16.89 -13.08 -15.28
CA GLU A 422 17.11 -14.28 -16.01
C GLU A 422 18.57 -14.39 -16.51
N ASP A 423 19.06 -13.31 -17.13
CA ASP A 423 20.42 -13.36 -17.68
C ASP A 423 21.48 -13.47 -16.61
N ALA A 424 21.32 -12.83 -15.42
CA ALA A 424 22.34 -12.84 -14.42
C ALA A 424 22.37 -14.18 -13.69
N SER A 425 21.20 -14.81 -13.58
CA SER A 425 21.08 -16.04 -12.81
C SER A 425 21.19 -17.33 -13.58
N ASN A 426 20.93 -17.26 -14.86
CA ASN A 426 20.72 -18.42 -15.71
C ASN A 426 19.46 -19.20 -15.34
N VAL A 427 18.51 -18.61 -14.63
CA VAL A 427 17.23 -19.29 -14.41
C VAL A 427 16.28 -18.85 -15.47
N ASP A 428 15.60 -19.79 -16.15
CA ASP A 428 14.65 -19.47 -17.19
C ASP A 428 13.36 -18.88 -16.57
N LEU A 429 13.05 -17.67 -16.96
CA LEU A 429 11.85 -16.95 -16.49
C LEU A 429 10.89 -16.68 -17.61
N SER A 430 10.98 -17.45 -18.74
CA SER A 430 10.07 -17.25 -19.84
CA SER A 430 10.06 -17.24 -19.85
C SER A 430 8.62 -17.50 -19.43
N HIS A 431 8.39 -18.63 -18.85
CA HIS A 431 7.05 -18.95 -18.38
C HIS A 431 6.62 -18.04 -17.24
N PHE A 432 7.56 -17.73 -16.38
CA PHE A 432 7.29 -16.86 -15.20
C PHE A 432 6.71 -15.50 -15.59
N ARG A 433 7.07 -15.00 -16.77
CA ARG A 433 6.57 -13.70 -17.26
C ARG A 433 5.09 -13.62 -17.35
N ARG A 434 4.39 -14.77 -17.43
CA ARG A 434 2.94 -14.75 -17.46
C ARG A 434 2.33 -14.09 -16.22
N TRP A 435 3.06 -14.14 -15.08
CA TRP A 435 2.59 -13.42 -13.89
C TRP A 435 2.37 -11.92 -14.12
N TYR A 436 3.07 -11.36 -15.10
CA TYR A 436 2.90 -9.93 -15.43
C TYR A 436 1.68 -9.61 -16.27
N SER A 437 1.18 -10.64 -17.00
CA SER A 437 0.14 -10.48 -18.03
CA SER A 437 0.16 -10.43 -18.02
C SER A 437 -1.19 -10.99 -17.66
N GLN A 438 -1.24 -11.87 -16.66
CA GLN A 438 -2.47 -12.49 -16.23
C GLN A 438 -2.99 -12.06 -14.93
N SER A 439 -4.28 -11.67 -14.90
CA SER A 439 -4.94 -11.20 -13.72
C SER A 439 -5.61 -12.39 -12.97
N GLY A 440 -6.18 -12.12 -11.80
CA GLY A 440 -6.88 -13.12 -11.05
C GLY A 440 -5.95 -13.98 -10.13
N THR A 441 -6.55 -14.59 -9.14
CA THR A 441 -5.83 -15.35 -8.18
C THR A 441 -5.87 -16.89 -8.55
N PRO A 442 -4.74 -17.51 -8.76
CA PRO A 442 -4.70 -18.95 -9.02
C PRO A 442 -5.13 -19.72 -7.77
N ILE A 443 -5.79 -20.84 -8.05
CA ILE A 443 -6.19 -21.78 -7.06
C ILE A 443 -5.40 -23.04 -7.28
N VAL A 444 -4.64 -23.42 -6.23
CA VAL A 444 -3.75 -24.56 -6.28
C VAL A 444 -4.37 -25.69 -5.40
N THR A 445 -4.71 -26.81 -6.05
CA THR A 445 -5.32 -27.96 -5.36
C THR A 445 -4.28 -29.02 -5.17
N VAL A 446 -4.17 -29.53 -3.95
CA VAL A 446 -3.17 -30.54 -3.61
C VAL A 446 -3.88 -31.78 -3.02
N LYS A 447 -3.52 -32.95 -3.52
CA LYS A 447 -3.93 -34.27 -2.92
C LYS A 447 -2.65 -35.03 -2.68
N ASP A 448 -2.68 -35.88 -1.69
CA ASP A 448 -1.46 -36.63 -1.32
C ASP A 448 -1.72 -38.12 -1.16
N ASP A 449 -0.66 -38.90 -1.24
CA ASP A 449 -0.76 -40.35 -1.10
C ASP A 449 0.52 -40.80 -0.43
N TYR A 450 0.42 -41.60 0.63
CA TYR A 450 1.57 -42.25 1.21
C TYR A 450 1.51 -43.72 0.98
N ASN A 451 2.56 -44.27 0.39
CA ASN A 451 2.61 -45.70 0.02
C ASN A 451 3.64 -46.36 1.00
N PRO A 452 3.11 -47.06 2.02
CA PRO A 452 4.05 -47.64 3.01
C PRO A 452 4.87 -48.83 2.45
N GLU A 453 4.40 -49.45 1.43
CA GLU A 453 5.18 -50.52 0.78
C GLU A 453 6.43 -49.96 0.11
N THR A 454 6.32 -48.85 -0.62
CA THR A 454 7.48 -48.26 -1.27
C THR A 454 8.19 -47.14 -0.54
N GLU A 455 7.59 -46.67 0.55
CA GLU A 455 8.05 -45.54 1.32
C GLU A 455 8.18 -44.29 0.42
N GLN A 456 7.13 -44.11 -0.34
CA GLN A 456 7.05 -42.93 -1.25
C GLN A 456 5.84 -42.13 -0.87
N TYR A 457 6.00 -40.82 -0.98
CA TYR A 457 4.93 -39.85 -0.77
C TYR A 457 4.72 -39.09 -2.07
N THR A 458 3.48 -39.03 -2.52
CA THR A 458 3.16 -38.43 -3.77
C THR A 458 2.25 -37.25 -3.56
N LEU A 459 2.63 -36.08 -4.10
CA LEU A 459 1.77 -34.92 -4.15
C LEU A 459 1.25 -34.74 -5.57
N THR A 460 -0.06 -34.68 -5.71
CA THR A 460 -0.72 -34.37 -6.97
C THR A 460 -1.22 -32.96 -6.89
N ILE A 461 -0.67 -32.07 -7.72
CA ILE A 461 -0.94 -30.64 -7.58
C ILE A 461 -1.54 -30.11 -8.87
N SER A 462 -2.66 -29.44 -8.76
CA SER A 462 -3.39 -28.85 -9.89
CA SER A 462 -3.31 -28.84 -9.92
C SER A 462 -3.45 -27.34 -9.72
N GLN A 463 -3.53 -26.60 -10.83
CA GLN A 463 -3.78 -25.19 -10.80
C GLN A 463 -4.81 -24.79 -11.77
N ARG A 464 -5.49 -23.76 -11.40
CA ARG A 464 -6.35 -23.01 -12.38
C ARG A 464 -6.58 -21.60 -11.91
N THR A 465 -6.77 -20.67 -12.85
CA THR A 465 -7.20 -19.35 -12.48
C THR A 465 -8.60 -19.14 -13.09
N PRO A 466 -9.56 -18.77 -12.30
CA PRO A 466 -10.85 -18.47 -12.88
C PRO A 466 -10.76 -17.28 -13.79
N ALA A 467 -11.59 -17.28 -14.85
CA ALA A 467 -11.72 -16.07 -15.62
C ALA A 467 -12.05 -14.87 -14.73
N THR A 468 -11.60 -13.70 -15.21
CA THR A 468 -11.91 -12.44 -14.57
C THR A 468 -12.61 -11.55 -15.63
N PRO A 469 -13.21 -10.45 -15.19
CA PRO A 469 -14.03 -9.64 -16.12
C PRO A 469 -13.17 -9.03 -17.17
N ASP A 470 -11.88 -8.84 -16.84
CA ASP A 470 -10.95 -8.32 -17.85
C ASP A 470 -10.30 -9.29 -18.79
N GLN A 471 -10.30 -10.57 -18.52
CA GLN A 471 -9.64 -11.54 -19.31
C GLN A 471 -10.42 -12.82 -19.33
N ALA A 472 -10.84 -13.25 -20.50
CA ALA A 472 -11.54 -14.49 -20.62
C ALA A 472 -10.60 -15.70 -20.73
N GLU A 473 -9.37 -15.49 -21.12
CA GLU A 473 -8.48 -16.57 -21.29
C GLU A 473 -7.48 -16.60 -20.15
N LYS A 474 -7.25 -17.78 -19.58
CA LYS A 474 -6.26 -17.97 -18.53
C LYS A 474 -5.43 -19.18 -18.83
N GLN A 475 -4.18 -19.18 -18.40
CA GLN A 475 -3.28 -20.27 -18.62
C GLN A 475 -2.50 -20.52 -17.36
N PRO A 476 -1.89 -21.75 -17.25
CA PRO A 476 -1.13 -22.07 -16.07
C PRO A 476 0.10 -21.19 -15.90
N LEU A 477 0.39 -20.87 -14.63
CA LEU A 477 1.57 -20.10 -14.27
C LEU A 477 2.72 -20.94 -13.80
N HIS A 478 3.91 -20.31 -13.74
CA HIS A 478 5.07 -20.92 -13.07
C HIS A 478 5.00 -20.59 -11.60
N ILE A 479 4.48 -21.54 -10.82
CA ILE A 479 4.18 -21.34 -9.39
C ILE A 479 5.27 -21.99 -8.53
N PRO A 480 6.10 -21.19 -7.85
CA PRO A 480 7.03 -21.73 -6.88
C PRO A 480 6.26 -22.17 -5.64
N PHE A 481 6.26 -23.50 -5.41
CA PHE A 481 5.42 -24.16 -4.36
C PHE A 481 6.31 -24.81 -3.34
N ALA A 482 6.54 -24.12 -2.23
CA ALA A 482 7.49 -24.55 -1.23
C ALA A 482 6.77 -25.54 -0.27
N ILE A 483 7.46 -26.62 0.05
CA ILE A 483 6.94 -27.55 1.02
C ILE A 483 7.96 -27.91 2.06
N GLU A 484 7.45 -28.47 3.14
CA GLU A 484 8.27 -29.19 4.14
C GLU A 484 7.47 -30.36 4.69
N LEU A 485 8.11 -31.51 4.90
CA LEU A 485 7.41 -32.72 5.35
C LEU A 485 7.86 -33.10 6.75
N TYR A 486 6.93 -33.33 7.67
CA TYR A 486 7.24 -33.58 9.07
C TYR A 486 6.88 -35.01 9.45
N ASP A 487 7.76 -35.66 10.17
CA ASP A 487 7.41 -37.00 10.68
C ASP A 487 6.58 -36.88 11.96
N ASN A 488 6.30 -38.00 12.66
CA ASN A 488 5.38 -37.86 13.78
C ASN A 488 5.95 -37.35 15.03
N GLU A 489 7.28 -37.18 15.10
CA GLU A 489 7.93 -36.46 16.15
C GLU A 489 8.11 -35.01 15.86
N GLY A 490 7.68 -34.50 14.70
CA GLY A 490 7.93 -33.08 14.38
C GLY A 490 9.24 -32.78 13.71
N LYS A 491 9.94 -33.79 13.24
CA LYS A 491 11.25 -33.59 12.56
C LYS A 491 11.03 -33.56 11.09
N VAL A 492 11.88 -32.78 10.44
CA VAL A 492 11.83 -32.65 8.99
C VAL A 492 12.28 -33.91 8.28
N ILE A 493 11.48 -34.39 7.32
CA ILE A 493 11.84 -35.54 6.47
C ILE A 493 12.65 -35.00 5.28
N PRO A 494 13.91 -35.48 5.09
CA PRO A 494 14.64 -35.06 3.87
C PRO A 494 13.93 -35.37 2.58
N LEU A 495 13.80 -34.34 1.70
CA LEU A 495 13.20 -34.54 0.39
C LEU A 495 14.18 -35.09 -0.58
N GLN A 496 13.85 -36.20 -1.21
CA GLN A 496 14.78 -36.85 -2.17
C GLN A 496 14.03 -37.71 -3.06
N LYS A 497 14.64 -38.04 -4.20
CA LYS A 497 14.09 -38.91 -5.13
C LYS A 497 15.19 -39.61 -5.95
N GLY A 498 15.09 -40.94 -6.07
CA GLY A 498 16.05 -41.75 -6.87
C GLY A 498 17.48 -41.54 -6.44
N GLY A 499 17.66 -41.46 -5.16
CA GLY A 499 18.90 -41.16 -4.55
C GLY A 499 19.45 -39.74 -4.53
N HIS A 500 18.72 -38.72 -5.02
CA HIS A 500 19.24 -37.36 -4.97
C HIS A 500 18.34 -36.41 -4.21
N PRO A 501 18.88 -35.45 -3.47
CA PRO A 501 18.03 -34.38 -2.90
C PRO A 501 17.18 -33.68 -3.95
N VAL A 502 15.99 -33.23 -3.51
CA VAL A 502 15.03 -32.56 -4.30
C VAL A 502 14.86 -31.23 -3.60
N ASN A 503 14.87 -30.17 -4.38
CA ASN A 503 14.72 -28.83 -3.80
C ASN A 503 13.29 -28.74 -3.18
N SER A 504 13.15 -28.07 -2.08
CA SER A 504 11.84 -27.95 -1.39
C SER A 504 10.86 -26.95 -2.08
N VAL A 505 11.39 -26.16 -3.02
CA VAL A 505 10.58 -25.31 -3.90
C VAL A 505 10.21 -26.10 -5.12
N LEU A 506 8.98 -26.60 -5.14
CA LEU A 506 8.52 -27.36 -6.31
C LEU A 506 8.12 -26.39 -7.45
N ASN A 507 8.50 -26.71 -8.67
CA ASN A 507 8.06 -25.91 -9.80
C ASN A 507 6.72 -26.42 -10.35
N VAL A 508 5.66 -25.78 -9.94
CA VAL A 508 4.33 -26.18 -10.37
C VAL A 508 4.00 -25.37 -11.63
N THR A 509 4.22 -26.00 -12.77
CA THR A 509 4.12 -25.29 -14.08
C THR A 509 3.00 -25.71 -14.99
N GLN A 510 2.31 -26.82 -14.62
CA GLN A 510 1.30 -27.42 -15.47
CA GLN A 510 1.32 -27.46 -15.46
C GLN A 510 -0.05 -27.32 -14.82
N ALA A 511 -1.11 -27.61 -15.57
CA ALA A 511 -2.46 -27.66 -15.04
C ALA A 511 -2.53 -28.74 -13.99
N GLU A 512 -1.79 -29.82 -14.21
CA GLU A 512 -1.79 -30.91 -13.21
C GLU A 512 -0.48 -31.60 -13.31
N GLN A 513 0.12 -31.96 -12.20
CA GLN A 513 1.38 -32.73 -12.20
C GLN A 513 1.51 -33.48 -10.86
N THR A 514 2.39 -34.45 -10.86
CA THR A 514 2.71 -35.20 -9.64
CA THR A 514 2.70 -35.24 -9.70
C THR A 514 4.13 -35.04 -9.24
N PHE A 515 4.37 -35.03 -7.96
CA PHE A 515 5.74 -35.01 -7.43
C PHE A 515 5.86 -36.19 -6.52
N VAL A 516 6.91 -36.95 -6.69
CA VAL A 516 7.13 -38.20 -5.90
C VAL A 516 8.38 -38.06 -5.12
N PHE A 517 8.31 -38.43 -3.82
CA PHE A 517 9.40 -38.29 -2.90
C PHE A 517 9.68 -39.67 -2.35
N ASP A 518 10.97 -40.06 -2.26
CA ASP A 518 11.41 -41.46 -1.93
CA ASP A 518 11.18 -41.43 -1.77
C ASP A 518 11.95 -41.42 -0.53
N ASN A 519 12.19 -42.63 0.05
CA ASN A 519 12.72 -42.66 1.42
C ASN A 519 11.92 -41.78 2.41
N VAL A 520 10.59 -41.87 2.29
CA VAL A 520 9.74 -41.23 3.22
C VAL A 520 9.30 -42.32 4.21
N TYR A 521 9.97 -42.40 5.35
CA TYR A 521 9.80 -43.59 6.21
C TYR A 521 8.63 -43.51 7.16
N PHE A 522 7.95 -42.40 7.18
CA PHE A 522 6.75 -42.18 8.00
C PHE A 522 5.75 -41.40 7.21
N GLN A 523 4.49 -41.66 7.47
CA GLN A 523 3.49 -40.86 6.79
C GLN A 523 3.69 -39.38 7.18
N PRO A 524 3.86 -38.47 6.21
CA PRO A 524 4.17 -37.13 6.66
C PRO A 524 2.95 -36.28 7.00
N VAL A 525 3.16 -35.27 7.79
CA VAL A 525 2.26 -34.09 7.83
C VAL A 525 2.98 -33.03 6.94
N PRO A 526 2.30 -32.52 5.90
CA PRO A 526 2.95 -31.52 5.03
C PRO A 526 2.69 -30.12 5.50
N ALA A 527 3.69 -29.30 5.42
CA ALA A 527 3.55 -27.86 5.42
C ALA A 527 3.62 -27.44 3.94
N LEU A 528 2.55 -26.77 3.46
CA LEU A 528 2.37 -26.50 2.06
C LEU A 528 2.34 -24.98 1.84
N LEU A 529 2.83 -24.59 0.64
CA LEU A 529 2.98 -23.14 0.33
C LEU A 529 3.69 -22.38 1.39
N CYS A 530 4.84 -22.93 1.81
CA CYS A 530 5.57 -22.33 2.96
C CYS A 530 5.93 -20.85 2.67
N GLU A 531 5.81 -20.04 3.70
CA GLU A 531 5.98 -18.56 3.70
CA GLU A 531 6.11 -18.60 3.60
C GLU A 531 5.22 -17.91 2.57
N PHE A 532 4.07 -18.49 2.23
CA PHE A 532 3.17 -17.98 1.16
C PHE A 532 4.00 -17.83 -0.11
N SER A 533 4.54 -18.94 -0.59
CA SER A 533 5.58 -18.93 -1.63
C SER A 533 5.09 -18.48 -2.98
N ALA A 534 3.77 -18.44 -3.21
CA ALA A 534 3.14 -17.90 -4.44
C ALA A 534 1.81 -17.32 -3.99
N PRO A 535 1.33 -16.29 -4.69
CA PRO A 535 0.14 -15.60 -4.26
C PRO A 535 -1.10 -16.30 -4.79
N VAL A 536 -1.43 -17.37 -4.09
CA VAL A 536 -2.43 -18.34 -4.60
C VAL A 536 -3.34 -18.78 -3.44
N LYS A 537 -4.51 -19.24 -3.77
CA LYS A 537 -5.41 -19.87 -2.78
C LYS A 537 -4.99 -21.32 -2.76
N LEU A 538 -4.89 -21.92 -1.61
CA LEU A 538 -4.51 -23.32 -1.50
C LEU A 538 -5.71 -24.15 -1.08
N GLU A 539 -5.95 -25.23 -1.76
CA GLU A 539 -7.05 -26.19 -1.48
CA GLU A 539 -7.04 -26.17 -1.40
C GLU A 539 -6.41 -27.52 -1.11
N TYR A 540 -6.38 -27.85 0.15
CA TYR A 540 -5.88 -29.17 0.60
C TYR A 540 -6.83 -29.56 1.71
N LYS A 541 -7.20 -30.82 1.71
CA LYS A 541 -8.14 -31.34 2.72
C LYS A 541 -7.45 -31.69 4.07
N TRP A 542 -7.13 -30.65 4.85
CA TRP A 542 -6.46 -30.76 6.08
C TRP A 542 -7.41 -31.43 7.12
N SER A 543 -6.88 -32.29 7.96
CA SER A 543 -7.60 -32.66 9.20
C SER A 543 -7.28 -31.61 10.25
N ASP A 544 -8.16 -31.47 11.26
CA ASP A 544 -7.86 -30.55 12.34
C ASP A 544 -6.55 -30.89 13.02
N GLN A 545 -6.31 -32.19 13.20
CA GLN A 545 -5.12 -32.63 13.89
C GLN A 545 -3.83 -32.31 13.11
N GLN A 546 -3.88 -32.43 11.80
CA GLN A 546 -2.67 -32.00 11.04
C GLN A 546 -2.35 -30.56 11.31
N LEU A 547 -3.39 -29.73 11.39
CA LEU A 547 -3.19 -28.31 11.59
C LEU A 547 -2.71 -27.98 12.97
N THR A 548 -3.26 -28.63 14.02
CA THR A 548 -2.79 -28.38 15.36
C THR A 548 -1.40 -28.93 15.53
N PHE A 549 -1.09 -29.96 14.82
CA PHE A 549 0.26 -30.49 14.83
C PHE A 549 1.26 -29.44 14.28
N LEU A 550 0.93 -28.86 13.12
CA LEU A 550 1.79 -27.78 12.58
C LEU A 550 1.91 -26.60 13.53
N MET A 551 0.82 -26.25 14.22
CA MET A 551 0.85 -25.16 15.16
C MET A 551 1.91 -25.42 16.24
N ARG A 552 2.05 -26.69 16.63
CA ARG A 552 3.06 -27.10 17.63
C ARG A 552 4.42 -27.31 17.05
N HIS A 553 4.55 -27.88 15.85
CA HIS A 553 5.84 -28.36 15.38
C HIS A 553 6.50 -27.67 14.23
N ALA A 554 5.75 -26.87 13.49
CA ALA A 554 6.30 -26.35 12.26
C ALA A 554 7.55 -25.49 12.56
N ARG A 555 8.57 -25.64 11.71
CA ARG A 555 9.85 -24.94 11.92
C ARG A 555 9.75 -23.45 11.71
N ASN A 556 9.10 -22.95 10.66
CA ASN A 556 9.00 -21.52 10.42
C ASN A 556 7.80 -21.01 11.17
N ASP A 557 7.96 -19.89 11.81
CA ASP A 557 6.90 -19.26 12.54
C ASP A 557 5.71 -18.97 11.63
N PHE A 558 5.99 -18.59 10.40
CA PHE A 558 4.84 -18.33 9.50
C PHE A 558 3.91 -19.54 9.37
N SER A 559 4.48 -20.73 9.25
CA SER A 559 3.71 -21.92 9.02
C SER A 559 2.81 -22.21 10.23
N ARG A 560 3.26 -21.85 11.44
CA ARG A 560 2.44 -22.08 12.66
C ARG A 560 1.23 -21.18 12.62
N TRP A 561 1.47 -19.93 12.24
CA TRP A 561 0.40 -19.00 12.05
C TRP A 561 -0.57 -19.44 10.96
N ASP A 562 -0.05 -19.84 9.83
CA ASP A 562 -0.87 -20.18 8.67
C ASP A 562 -1.77 -21.39 8.99
N ALA A 563 -1.22 -22.36 9.72
CA ALA A 563 -1.98 -23.53 10.16
C ALA A 563 -3.18 -23.15 11.06
N ALA A 564 -2.95 -22.19 11.93
CA ALA A 564 -3.99 -21.66 12.76
C ALA A 564 -5.04 -20.95 11.91
N GLN A 565 -4.61 -20.28 10.87
CA GLN A 565 -5.59 -19.65 9.97
C GLN A 565 -6.46 -20.69 9.24
N SER A 566 -5.83 -21.74 8.78
CA SER A 566 -6.56 -22.79 8.10
C SER A 566 -7.56 -23.45 9.07
N LEU A 567 -7.13 -23.63 10.31
CA LEU A 567 -8.02 -24.26 11.31
C LEU A 567 -9.20 -23.34 11.58
N LEU A 568 -8.94 -22.05 11.76
CA LEU A 568 -10.02 -21.15 12.01
C LEU A 568 -10.99 -20.99 10.81
N ALA A 569 -10.46 -21.02 9.59
CA ALA A 569 -11.28 -20.82 8.40
C ALA A 569 -12.44 -21.83 8.41
N THR A 570 -12.14 -23.10 8.63
CA THR A 570 -13.20 -24.14 8.74
C THR A 570 -14.35 -23.73 9.66
N TYR A 571 -14.01 -23.16 10.80
CA TYR A 571 -15.00 -22.90 11.80
C TYR A 571 -15.64 -21.54 11.60
N ILE A 572 -14.94 -20.62 10.93
CA ILE A 572 -15.58 -19.37 10.47
C ILE A 572 -16.68 -19.68 9.46
N LYS A 573 -16.39 -20.56 8.50
CA LYS A 573 -17.35 -20.95 7.49
C LYS A 573 -18.55 -21.68 8.12
N LEU A 574 -18.21 -22.58 9.04
CA LEU A 574 -19.28 -23.30 9.79
C LEU A 574 -20.25 -22.33 10.42
N ASN A 575 -19.70 -21.40 11.15
CA ASN A 575 -20.48 -20.50 11.96
C ASN A 575 -21.19 -19.43 11.22
N VAL A 576 -20.65 -19.03 10.05
CA VAL A 576 -21.44 -18.12 9.18
C VAL A 576 -22.68 -18.81 8.62
N ALA A 577 -22.52 -20.04 8.20
CA ALA A 577 -23.71 -20.80 7.78
C ALA A 577 -24.70 -20.96 8.91
N ARG A 578 -24.21 -21.26 10.10
CA ARG A 578 -25.10 -21.34 11.26
C ARG A 578 -25.80 -20.03 11.52
N HIS A 579 -25.07 -18.94 11.50
CA HIS A 579 -25.67 -17.63 11.68
C HIS A 579 -26.86 -17.39 10.71
N GLN A 580 -26.72 -17.75 9.49
CA GLN A 580 -27.79 -17.56 8.46
C GLN A 580 -29.03 -18.41 8.80
N GLN A 581 -28.85 -19.50 9.57
CA GLN A 581 -29.94 -20.39 10.03
C GLN A 581 -30.41 -19.98 11.44
N GLY A 582 -29.95 -18.86 11.99
CA GLY A 582 -30.31 -18.46 13.33
C GLY A 582 -29.71 -19.30 14.47
N GLN A 583 -28.57 -19.97 14.26
CA GLN A 583 -28.00 -20.86 15.24
CA GLN A 583 -28.00 -20.88 15.25
C GLN A 583 -26.73 -20.26 15.83
N PRO A 584 -26.45 -20.57 17.09
CA PRO A 584 -25.31 -19.93 17.77
C PRO A 584 -24.03 -20.60 17.44
N LEU A 585 -22.94 -19.98 17.85
CA LEU A 585 -21.60 -20.47 17.53
C LEU A 585 -21.37 -21.86 18.10
N SER A 586 -20.74 -22.69 17.32
CA SER A 586 -20.33 -24.05 17.64
C SER A 586 -18.80 -24.13 17.38
N LEU A 587 -18.06 -24.62 18.35
CA LEU A 587 -16.56 -24.71 18.20
C LEU A 587 -16.13 -25.93 18.95
N PRO A 588 -15.43 -26.85 18.30
CA PRO A 588 -14.94 -28.04 19.08
C PRO A 588 -14.01 -27.69 20.16
N VAL A 589 -14.08 -28.44 21.24
CA VAL A 589 -13.18 -28.22 22.39
C VAL A 589 -11.74 -28.32 21.93
N HIS A 590 -11.41 -29.24 21.04
CA HIS A 590 -10.01 -29.37 20.60
C HIS A 590 -9.45 -28.14 19.86
N VAL A 591 -10.34 -27.31 19.29
CA VAL A 591 -9.90 -26.09 18.61
C VAL A 591 -9.60 -25.04 19.66
N ALA A 592 -10.46 -24.86 20.64
CA ALA A 592 -10.14 -23.98 21.74
C ALA A 592 -8.84 -24.37 22.47
N ASP A 593 -8.64 -25.65 22.66
CA ASP A 593 -7.44 -26.14 23.27
C ASP A 593 -6.18 -25.80 22.49
N ALA A 594 -6.25 -25.79 21.15
CA ALA A 594 -5.06 -25.42 20.38
C ALA A 594 -4.65 -23.98 20.71
N PHE A 595 -5.60 -23.06 20.88
CA PHE A 595 -5.27 -21.68 21.18
C PHE A 595 -4.87 -21.52 22.63
N ARG A 596 -5.47 -22.28 23.54
CA ARG A 596 -4.95 -22.32 24.92
C ARG A 596 -3.46 -22.69 24.96
N ALA A 597 -3.10 -23.71 24.18
CA ALA A 597 -1.72 -24.14 24.12
C ALA A 597 -0.74 -23.06 23.64
N VAL A 598 -1.17 -22.25 22.70
CA VAL A 598 -0.38 -21.11 22.22
C VAL A 598 -0.19 -20.09 23.35
N LEU A 599 -1.24 -19.80 24.09
CA LEU A 599 -1.14 -18.97 25.24
C LEU A 599 -0.19 -19.42 26.31
N LEU A 600 -0.18 -20.70 26.57
CA LEU A 600 0.66 -21.19 27.61
C LEU A 600 2.03 -21.67 27.15
N ASP A 601 2.39 -21.58 25.88
CA ASP A 601 3.67 -22.12 25.42
C ASP A 601 4.71 -21.08 25.71
N GLU A 602 5.60 -21.38 26.63
CA GLU A 602 6.69 -20.45 26.96
C GLU A 602 7.77 -20.28 25.90
N LYS A 603 7.91 -21.24 25.04
CA LYS A 603 8.94 -21.27 24.03
C LYS A 603 8.57 -20.45 22.76
N ILE A 604 7.28 -20.19 22.54
CA ILE A 604 6.88 -19.43 21.38
CA ILE A 604 6.78 -19.41 21.40
C ILE A 604 7.25 -17.95 21.49
N ASP A 605 7.77 -17.42 20.36
CA ASP A 605 8.03 -15.98 20.35
C ASP A 605 6.70 -15.25 20.59
N PRO A 606 6.68 -14.28 21.50
CA PRO A 606 5.45 -13.54 21.77
C PRO A 606 4.94 -12.80 20.53
N ALA A 607 5.85 -12.41 19.64
CA ALA A 607 5.42 -11.77 18.39
C ALA A 607 4.50 -12.72 17.56
N LEU A 608 4.91 -13.98 17.51
CA LEU A 608 4.15 -15.00 16.81
C LEU A 608 2.87 -15.30 17.57
N ALA A 609 2.95 -15.49 18.87
CA ALA A 609 1.77 -15.73 19.62
C ALA A 609 0.72 -14.69 19.46
N ALA A 610 1.14 -13.41 19.46
CA ALA A 610 0.19 -12.35 19.30
C ALA A 610 -0.60 -12.44 17.97
N GLU A 611 0.09 -12.82 16.91
CA GLU A 611 -0.57 -12.90 15.60
C GLU A 611 -1.52 -14.12 15.52
N ILE A 612 -1.12 -15.23 16.09
CA ILE A 612 -2.01 -16.40 16.16
C ILE A 612 -3.28 -16.02 16.94
N LEU A 613 -3.14 -15.17 17.96
CA LEU A 613 -4.24 -14.71 18.81
C LEU A 613 -4.97 -13.45 18.31
N THR A 614 -4.62 -13.03 17.10
CA THR A 614 -5.31 -11.93 16.44
C THR A 614 -6.22 -12.60 15.37
N LEU A 615 -7.56 -12.56 15.55
CA LEU A 615 -8.46 -13.24 14.61
C LEU A 615 -8.42 -12.58 13.21
N PRO A 616 -8.62 -13.34 12.17
CA PRO A 616 -8.72 -12.70 10.86
C PRO A 616 -9.68 -11.55 10.85
N SER A 617 -9.38 -10.48 10.12
CA SER A 617 -10.28 -9.37 10.03
C SER A 617 -11.57 -9.70 9.27
N VAL A 618 -12.57 -8.82 9.32
CA VAL A 618 -13.80 -9.10 8.53
C VAL A 618 -13.53 -9.15 7.02
N ASN A 619 -12.54 -8.40 6.57
CA ASN A 619 -12.02 -8.50 5.20
C ASN A 619 -11.34 -9.75 4.82
N GLU A 620 -10.50 -10.30 5.70
CA GLU A 620 -9.96 -11.59 5.48
C GLU A 620 -11.04 -12.70 5.52
N MET A 621 -12.02 -12.55 6.43
CA MET A 621 -13.09 -13.53 6.52
CA MET A 621 -13.07 -13.55 6.49
C MET A 621 -13.92 -13.58 5.23
N ALA A 622 -14.22 -12.39 4.69
CA ALA A 622 -15.03 -12.30 3.48
C ALA A 622 -14.44 -13.15 2.33
N GLU A 623 -13.12 -13.21 2.24
CA GLU A 623 -12.55 -13.88 1.07
CA GLU A 623 -12.32 -13.96 1.17
C GLU A 623 -12.65 -15.43 1.16
N LEU A 624 -13.11 -15.94 2.31
CA LEU A 624 -13.40 -17.38 2.44
C LEU A 624 -14.68 -17.76 1.71
N PHE A 625 -15.52 -16.78 1.32
CA PHE A 625 -16.85 -17.05 0.81
C PHE A 625 -17.04 -16.61 -0.62
N ASP A 626 -17.87 -17.32 -1.35
CA ASP A 626 -18.36 -16.89 -2.70
C ASP A 626 -19.27 -15.72 -2.65
N ILE A 627 -20.31 -15.84 -1.85
CA ILE A 627 -21.18 -14.74 -1.62
C ILE A 627 -20.97 -14.24 -0.21
N ILE A 628 -20.65 -12.98 -0.07
CA ILE A 628 -20.34 -12.41 1.25
C ILE A 628 -21.62 -12.05 2.01
N ASP A 629 -21.76 -12.56 3.26
CA ASP A 629 -22.80 -12.10 4.18
C ASP A 629 -22.10 -11.25 5.26
N PRO A 630 -22.11 -9.94 5.09
CA PRO A 630 -21.25 -9.15 5.99
C PRO A 630 -21.74 -9.04 7.41
N ILE A 631 -23.05 -9.16 7.60
CA ILE A 631 -23.59 -9.14 8.94
C ILE A 631 -23.24 -10.45 9.64
N ALA A 632 -23.45 -11.59 8.98
CA ALA A 632 -23.04 -12.83 9.57
C ALA A 632 -21.56 -12.83 9.93
N ILE A 633 -20.72 -12.35 9.02
CA ILE A 633 -19.29 -12.34 9.30
C ILE A 633 -18.98 -11.51 10.55
N ALA A 634 -19.57 -10.32 10.63
CA ALA A 634 -19.26 -9.44 11.75
C ALA A 634 -19.75 -10.09 13.06
N GLU A 635 -20.93 -10.64 13.03
CA GLU A 635 -21.52 -11.25 14.25
C GLU A 635 -20.79 -12.51 14.66
N VAL A 636 -20.39 -13.34 13.69
CA VAL A 636 -19.57 -14.52 14.00
C VAL A 636 -18.17 -14.13 14.53
N ARG A 637 -17.54 -13.09 13.96
CA ARG A 637 -16.28 -12.64 14.54
C ARG A 637 -16.39 -12.25 15.97
N GLU A 638 -17.43 -11.48 16.30
CA GLU A 638 -17.72 -11.16 17.67
C GLU A 638 -17.99 -12.36 18.58
N ALA A 639 -18.81 -13.30 18.07
CA ALA A 639 -19.21 -14.49 18.87
C ALA A 639 -17.99 -15.37 19.13
N LEU A 640 -17.11 -15.52 18.14
CA LEU A 640 -15.88 -16.27 18.30
C LEU A 640 -14.97 -15.63 19.32
N THR A 641 -14.94 -14.29 19.31
CA THR A 641 -14.11 -13.57 20.27
C THR A 641 -14.67 -13.87 21.67
N ARG A 642 -15.98 -13.77 21.81
CA ARG A 642 -16.62 -14.04 23.09
C ARG A 642 -16.44 -15.45 23.57
N THR A 643 -16.54 -16.41 22.68
CA THR A 643 -16.36 -17.85 23.06
C THR A 643 -14.95 -18.12 23.55
N LEU A 644 -13.97 -17.62 22.81
CA LEU A 644 -12.59 -17.76 23.28
C LEU A 644 -12.30 -16.99 24.58
N ALA A 645 -12.85 -15.81 24.74
CA ALA A 645 -12.70 -15.05 25.95
C ALA A 645 -13.23 -15.86 27.19
N THR A 646 -14.38 -16.49 27.00
CA THR A 646 -14.95 -17.39 28.05
C THR A 646 -14.13 -18.62 28.27
N GLU A 647 -13.78 -19.35 27.25
CA GLU A 647 -13.09 -20.58 27.44
C GLU A 647 -11.66 -20.37 27.93
N LEU A 648 -11.02 -19.26 27.56
CA LEU A 648 -9.58 -19.05 27.87
C LEU A 648 -9.40 -17.96 28.90
N ALA A 649 -10.45 -17.59 29.63
CA ALA A 649 -10.42 -16.42 30.53
C ALA A 649 -9.23 -16.33 31.49
N ASP A 650 -8.95 -17.46 32.16
CA ASP A 650 -7.88 -17.43 33.15
C ASP A 650 -6.52 -17.32 32.47
N GLU A 651 -6.34 -18.02 31.37
CA GLU A 651 -5.08 -18.00 30.66
C GLU A 651 -4.80 -16.62 30.04
N LEU A 652 -5.85 -16.01 29.45
CA LEU A 652 -5.75 -14.71 28.87
C LEU A 652 -5.34 -13.66 29.92
N LEU A 653 -5.93 -13.74 31.11
CA LEU A 653 -5.57 -12.77 32.12
C LEU A 653 -4.13 -13.00 32.59
N ALA A 654 -3.75 -14.24 32.73
CA ALA A 654 -2.41 -14.52 33.20
C ALA A 654 -1.33 -14.00 32.21
N ILE A 655 -1.59 -14.18 30.93
CA ILE A 655 -0.65 -13.71 29.91
C ILE A 655 -0.67 -12.19 29.77
N TYR A 656 -1.85 -11.59 29.87
CA TYR A 656 -2.01 -10.17 29.94
C TYR A 656 -1.11 -9.57 31.03
N ASN A 657 -1.22 -10.10 32.23
CA ASN A 657 -0.42 -9.62 33.34
C ASN A 657 1.05 -9.90 33.19
N ALA A 658 1.43 -11.05 32.66
CA ALA A 658 2.81 -11.42 32.52
C ALA A 658 3.56 -10.50 31.57
N ASN A 659 2.86 -9.84 30.63
CA ASN A 659 3.47 -9.01 29.60
C ASN A 659 3.41 -7.56 29.86
N TYR A 660 2.95 -7.20 31.06
CA TYR A 660 3.03 -5.83 31.51
C TYR A 660 4.44 -5.28 31.39
N GLN A 661 4.54 -4.07 30.89
CA GLN A 661 5.87 -3.40 30.76
C GLN A 661 5.70 -2.00 31.33
N SER A 662 6.48 -1.67 32.34
CA SER A 662 6.39 -0.30 32.92
C SER A 662 7.10 0.74 32.03
N GLU A 663 8.24 0.42 31.47
CA GLU A 663 8.94 1.34 30.54
C GLU A 663 8.30 1.18 29.09
N TYR A 664 8.07 2.26 28.36
CA TYR A 664 7.75 2.22 26.93
C TYR A 664 9.02 2.40 26.08
N ARG A 665 9.27 1.45 25.18
CA ARG A 665 10.30 1.55 24.19
C ARG A 665 9.79 1.13 22.82
N VAL A 666 10.26 1.87 21.81
CA VAL A 666 10.07 1.47 20.40
C VAL A 666 11.18 0.52 20.02
N GLU A 667 11.11 -0.70 20.51
CA GLU A 667 12.06 -1.70 20.31
C GLU A 667 11.27 -2.99 20.03
N HIS A 668 11.74 -3.82 19.14
CA HIS A 668 10.95 -4.96 18.63
C HIS A 668 10.56 -6.02 19.65
N GLU A 669 11.45 -6.34 20.61
CA GLU A 669 11.04 -7.24 21.71
C GLU A 669 9.92 -6.69 22.55
N ASP A 670 10.00 -5.40 22.87
CA ASP A 670 9.01 -4.71 23.65
C ASP A 670 7.67 -4.61 22.85
N ILE A 671 7.78 -4.29 21.58
CA ILE A 671 6.64 -4.24 20.70
C ILE A 671 5.89 -5.58 20.69
N ALA A 672 6.62 -6.64 20.58
CA ALA A 672 6.10 -7.99 20.57
C ALA A 672 5.32 -8.32 21.84
N LYS A 673 5.94 -8.03 23.01
CA LYS A 673 5.23 -8.22 24.25
C LYS A 673 3.96 -7.44 24.39
N ARG A 674 3.97 -6.18 23.97
CA ARG A 674 2.83 -5.35 24.00
C ARG A 674 1.77 -5.86 23.01
N THR A 675 2.16 -6.27 21.82
CA THR A 675 1.16 -6.79 20.88
CA THR A 675 1.14 -6.84 20.88
C THR A 675 0.45 -8.04 21.50
N LEU A 676 1.21 -8.88 22.19
CA LEU A 676 0.63 -10.07 22.85
C LEU A 676 -0.32 -9.69 24.00
N ARG A 677 0.12 -8.74 24.84
CA ARG A 677 -0.67 -8.27 25.92
C ARG A 677 -1.97 -7.66 25.39
N ASN A 678 -1.90 -6.83 24.35
CA ASN A 678 -3.09 -6.19 23.83
C ASN A 678 -3.96 -7.19 22.99
N ALA A 679 -3.37 -8.22 22.50
CA ALA A 679 -4.17 -9.30 21.86
C ALA A 679 -5.01 -10.01 22.90
N CYS A 680 -4.44 -10.22 24.08
CA CYS A 680 -5.19 -10.83 25.22
C CYS A 680 -6.28 -9.84 25.68
N LEU A 681 -5.98 -8.54 25.74
CA LEU A 681 -6.93 -7.57 26.15
C LEU A 681 -8.19 -7.59 25.24
N ARG A 682 -8.01 -7.81 23.93
CA ARG A 682 -9.19 -7.85 23.02
CA ARG A 682 -9.19 -7.83 23.05
C ARG A 682 -10.22 -8.89 23.48
N PHE A 683 -9.72 -10.05 23.86
CA PHE A 683 -10.62 -11.13 24.35
C PHE A 683 -11.16 -10.80 25.74
N LEU A 684 -10.30 -10.31 26.64
CA LEU A 684 -10.71 -9.95 27.97
C LEU A 684 -11.78 -8.90 27.96
N ALA A 685 -11.78 -7.98 26.99
CA ALA A 685 -12.81 -6.98 26.87
C ALA A 685 -14.22 -7.60 26.71
N PHE A 686 -14.23 -8.79 26.18
CA PHE A 686 -15.46 -9.57 25.97
C PHE A 686 -15.75 -10.61 27.07
N GLY A 687 -15.14 -10.52 28.24
CA GLY A 687 -15.40 -11.33 29.44
C GLY A 687 -16.55 -10.74 30.20
N GLU A 688 -16.70 -11.09 31.48
CA GLU A 688 -17.80 -10.58 32.30
C GLU A 688 -17.63 -9.10 32.33
N THR A 689 -18.75 -8.43 32.18
CA THR A 689 -18.81 -7.01 31.98
C THR A 689 -18.11 -6.20 33.00
N HIS A 690 -18.40 -6.47 34.27
CA HIS A 690 -17.74 -5.83 35.39
C HIS A 690 -16.20 -5.96 35.34
N LEU A 691 -15.66 -7.16 35.13
CA LEU A 691 -14.20 -7.35 35.05
C LEU A 691 -13.65 -6.57 33.84
N ALA A 692 -14.33 -6.71 32.71
CA ALA A 692 -13.82 -6.14 31.45
C ALA A 692 -13.78 -4.65 31.53
N ASP A 693 -14.86 -4.04 32.04
CA ASP A 693 -14.91 -2.59 32.16
C ASP A 693 -13.78 -2.02 32.99
N VAL A 694 -13.52 -2.64 34.13
CA VAL A 694 -12.46 -2.18 35.05
C VAL A 694 -11.06 -2.33 34.39
N LEU A 695 -10.84 -3.45 33.75
CA LEU A 695 -9.54 -3.75 33.14
C LEU A 695 -9.25 -2.77 32.00
N VAL A 696 -10.27 -2.55 31.17
CA VAL A 696 -10.09 -1.65 30.00
C VAL A 696 -9.94 -0.23 30.41
N SER A 697 -10.82 0.24 31.32
CA SER A 697 -10.75 1.59 31.79
CA SER A 697 -10.73 1.62 31.74
C SER A 697 -9.39 1.92 32.46
N LYS A 698 -8.89 1.00 33.26
CA LYS A 698 -7.64 1.14 33.99
C LYS A 698 -6.45 1.22 32.95
N GLN A 699 -6.47 0.35 31.96
CA GLN A 699 -5.40 0.45 30.92
C GLN A 699 -5.46 1.83 30.23
N PHE A 700 -6.62 2.33 29.87
CA PHE A 700 -6.73 3.61 29.21
C PHE A 700 -6.17 4.70 30.09
N HIS A 701 -6.57 4.71 31.35
CA HIS A 701 -6.13 5.81 32.28
C HIS A 701 -4.69 5.65 32.72
N GLU A 702 -4.15 4.44 32.83
CA GLU A 702 -2.79 4.30 33.30
C GLU A 702 -1.79 4.19 32.18
N ALA A 703 -2.23 4.11 30.95
CA ALA A 703 -1.29 4.01 29.82
C ALA A 703 -0.26 5.08 29.79
N ASN A 704 0.96 4.75 29.47
CA ASN A 704 2.01 5.78 29.31
C ASN A 704 2.44 5.94 27.86
N ASN A 705 1.59 5.50 26.93
CA ASN A 705 1.93 5.57 25.50
C ASN A 705 0.59 5.36 24.78
N MET A 706 0.55 5.84 23.54
CA MET A 706 -0.68 5.76 22.77
C MET A 706 -1.03 4.35 22.34
N THR A 707 -0.08 3.45 22.22
CA THR A 707 -0.40 2.08 21.81
C THR A 707 -1.39 1.45 22.83
N ASP A 708 -0.99 1.56 24.08
CA ASP A 708 -1.79 1.02 25.14
C ASP A 708 -3.08 1.74 25.36
N ALA A 709 -3.08 3.06 25.25
CA ALA A 709 -4.30 3.83 25.40
C ALA A 709 -5.27 3.46 24.29
N LEU A 710 -4.79 3.49 23.04
CA LEU A 710 -5.70 3.17 21.93
C LEU A 710 -6.20 1.71 21.99
N ALA A 711 -5.38 0.77 22.40
CA ALA A 711 -5.83 -0.60 22.50
C ALA A 711 -7.02 -0.71 23.45
N ALA A 712 -6.92 -0.02 24.58
CA ALA A 712 -8.06 0.03 25.56
C ALA A 712 -9.29 0.71 25.03
N LEU A 713 -9.09 1.84 24.38
CA LEU A 713 -10.19 2.54 23.83
C LEU A 713 -10.89 1.75 22.75
N SER A 714 -10.09 1.10 21.86
CA SER A 714 -10.69 0.31 20.83
CA SER A 714 -10.68 0.27 20.82
C SER A 714 -11.52 -0.88 21.41
N ALA A 715 -11.03 -1.51 22.47
CA ALA A 715 -11.73 -2.62 23.13
C ALA A 715 -13.03 -2.13 23.80
N ALA A 716 -13.04 -0.91 24.35
CA ALA A 716 -14.27 -0.32 24.97
C ALA A 716 -15.33 -0.13 23.88
N VAL A 717 -14.91 0.32 22.70
CA VAL A 717 -15.83 0.44 21.59
C VAL A 717 -16.29 -0.91 21.08
N ALA A 718 -15.36 -1.82 20.82
CA ALA A 718 -15.70 -3.11 20.18
C ALA A 718 -16.67 -3.92 21.06
N ALA A 719 -16.46 -3.87 22.36
CA ALA A 719 -17.30 -4.60 23.31
C ALA A 719 -18.42 -3.81 23.88
N GLN A 720 -18.63 -2.60 23.43
CA GLN A 720 -19.69 -1.74 23.92
C GLN A 720 -19.69 -1.68 25.47
N LEU A 721 -18.53 -1.44 26.07
CA LEU A 721 -18.43 -1.43 27.52
C LEU A 721 -19.01 -0.14 28.10
N PRO A 722 -19.46 -0.21 29.38
CA PRO A 722 -19.99 0.93 30.10
C PRO A 722 -19.12 2.18 30.01
N CYS A 723 -17.79 2.01 30.09
CA CYS A 723 -16.85 3.13 30.13
C CYS A 723 -16.67 3.80 28.74
N ARG A 724 -17.21 3.21 27.68
CA ARG A 724 -16.88 3.68 26.34
C ARG A 724 -17.12 5.13 26.13
N ASP A 725 -18.34 5.60 26.40
CA ASP A 725 -18.65 7.03 26.08
C ASP A 725 -17.80 8.03 26.82
N ALA A 726 -17.54 7.75 28.09
CA ALA A 726 -16.67 8.64 28.89
C ALA A 726 -15.24 8.62 28.28
N LEU A 727 -14.70 7.44 27.97
CA LEU A 727 -13.30 7.41 27.41
C LEU A 727 -13.22 8.14 26.03
N MET A 728 -14.21 7.95 25.17
CA MET A 728 -14.25 8.58 23.86
C MET A 728 -14.33 10.09 24.02
N GLN A 729 -15.13 10.60 24.97
CA GLN A 729 -15.17 12.03 25.23
C GLN A 729 -13.84 12.57 25.75
N GLU A 730 -13.24 11.87 26.70
CA GLU A 730 -11.97 12.24 27.23
CA GLU A 730 -11.95 12.27 27.24
C GLU A 730 -10.95 12.41 26.10
N TYR A 731 -10.92 11.45 25.21
CA TYR A 731 -9.99 11.50 24.06
C TYR A 731 -10.25 12.67 23.16
N ASP A 732 -11.52 12.92 22.79
CA ASP A 732 -11.87 14.07 22.01
C ASP A 732 -11.36 15.36 22.70
N ASP A 733 -11.72 15.50 23.99
CA ASP A 733 -11.31 16.76 24.74
C ASP A 733 -9.80 16.94 24.83
N LYS A 734 -9.05 15.87 24.87
CA LYS A 734 -7.63 16.00 25.00
C LYS A 734 -6.99 16.29 23.61
N TRP A 735 -7.54 15.65 22.55
CA TRP A 735 -6.81 15.53 21.29
C TRP A 735 -7.45 16.17 20.11
N HIS A 736 -8.57 16.89 20.28
CA HIS A 736 -9.29 17.41 19.10
C HIS A 736 -8.50 18.34 18.18
N GLN A 737 -7.50 19.01 18.71
CA GLN A 737 -6.66 19.88 17.90
C GLN A 737 -5.63 19.14 17.07
N ASN A 738 -5.49 17.85 17.25
CA ASN A 738 -4.48 17.08 16.58
C ASN A 738 -5.14 16.07 15.57
N GLY A 739 -5.20 16.44 14.30
CA GLY A 739 -5.94 15.64 13.30
C GLY A 739 -5.44 14.24 13.20
N LEU A 740 -4.11 14.00 13.25
CA LEU A 740 -3.64 12.61 13.11
C LEU A 740 -4.03 11.76 14.25
N VAL A 741 -4.09 12.34 15.42
CA VAL A 741 -4.55 11.55 16.55
C VAL A 741 -6.05 11.37 16.51
N MET A 742 -6.78 12.39 16.01
CA MET A 742 -8.24 12.22 15.92
C MET A 742 -8.64 11.22 14.85
N ASP A 743 -7.76 10.98 13.86
CA ASP A 743 -8.06 9.95 12.87
C ASP A 743 -8.29 8.62 13.49
N LYS A 744 -7.54 8.29 14.51
CA LYS A 744 -7.74 6.99 15.23
C LYS A 744 -9.12 6.89 15.87
N TRP A 745 -9.60 8.01 16.35
CA TRP A 745 -10.90 8.09 16.99
C TRP A 745 -12.02 8.06 15.99
N PHE A 746 -11.84 8.75 14.87
CA PHE A 746 -12.84 8.67 13.71
C PHE A 746 -12.95 7.25 13.22
N ILE A 747 -11.81 6.56 13.13
CA ILE A 747 -11.85 5.11 12.75
C ILE A 747 -12.66 4.24 13.71
N LEU A 748 -12.46 4.47 15.02
CA LEU A 748 -13.24 3.70 16.00
C LEU A 748 -14.71 4.04 15.91
N GLN A 749 -15.03 5.31 15.71
CA GLN A 749 -16.45 5.67 15.55
C GLN A 749 -17.07 4.99 14.33
N ALA A 750 -16.33 5.03 13.23
CA ALA A 750 -16.78 4.48 11.92
C ALA A 750 -16.91 2.97 11.92
N THR A 751 -16.13 2.28 12.79
CA THR A 751 -16.12 0.85 12.85
C THR A 751 -16.83 0.29 14.05
N SER A 752 -17.61 1.16 14.73
CA SER A 752 -18.23 0.78 15.96
C SER A 752 -19.33 -0.26 15.63
N PRO A 753 -19.47 -1.29 16.47
CA PRO A 753 -20.61 -2.20 16.34
C PRO A 753 -21.99 -1.62 16.82
N ALA A 754 -22.04 -0.41 17.30
CA ALA A 754 -23.27 0.13 17.85
C ALA A 754 -24.33 0.23 16.77
N ALA A 755 -25.59 0.00 17.17
CA ALA A 755 -26.69 0.01 16.22
C ALA A 755 -26.86 1.38 15.51
N ASN A 756 -26.55 2.44 16.17
CA ASN A 756 -26.74 3.76 15.58
C ASN A 756 -25.43 4.32 14.95
N VAL A 757 -24.53 3.43 14.57
CA VAL A 757 -23.21 3.93 14.00
C VAL A 757 -23.39 4.92 12.83
N LEU A 758 -24.32 4.68 11.89
CA LEU A 758 -24.42 5.59 10.76
C LEU A 758 -24.85 6.94 11.19
N GLU A 759 -25.84 7.05 12.08
CA GLU A 759 -26.23 8.34 12.61
C GLU A 759 -25.04 9.05 13.26
N THR A 760 -24.22 8.31 13.97
CA THR A 760 -23.08 8.93 14.67
C THR A 760 -22.09 9.49 13.64
N VAL A 761 -21.78 8.64 12.69
CA VAL A 761 -20.87 9.01 11.53
C VAL A 761 -21.35 10.22 10.78
N ARG A 762 -22.64 10.27 10.42
CA ARG A 762 -23.15 11.46 9.82
C ARG A 762 -23.00 12.72 10.66
N GLY A 763 -23.30 12.61 11.97
CA GLY A 763 -23.13 13.70 12.88
C GLY A 763 -21.69 14.20 12.97
N LEU A 764 -20.73 13.26 12.84
CA LEU A 764 -19.30 13.55 12.86
C LEU A 764 -18.84 14.29 11.62
N LEU A 765 -19.64 14.40 10.56
CA LEU A 765 -19.34 15.35 9.48
C LEU A 765 -19.27 16.80 9.94
N GLN A 766 -19.85 17.10 11.09
CA GLN A 766 -19.81 18.43 11.61
C GLN A 766 -18.85 18.52 12.76
N HIS A 767 -18.09 17.48 13.02
CA HIS A 767 -17.23 17.49 14.21
C HIS A 767 -16.12 18.55 14.02
N ARG A 768 -15.74 19.17 15.14
CA ARG A 768 -14.65 20.14 15.14
C ARG A 768 -13.33 19.68 14.55
N SER A 769 -13.03 18.39 14.57
CA SER A 769 -11.81 17.87 13.98
C SER A 769 -11.95 17.30 12.58
N PHE A 770 -13.15 17.31 12.00
CA PHE A 770 -13.39 16.68 10.69
C PHE A 770 -13.40 17.77 9.63
N THR A 771 -12.87 17.51 8.45
CA THR A 771 -13.13 18.40 7.29
C THR A 771 -13.07 17.63 6.01
N MET A 772 -14.02 17.91 5.09
CA MET A 772 -14.08 17.26 3.76
C MET A 772 -12.88 17.71 2.93
N SER A 773 -12.15 18.78 3.33
CA SER A 773 -11.00 19.24 2.53
C SER A 773 -9.70 18.40 2.77
N ASN A 774 -9.74 17.48 3.72
CA ASN A 774 -8.53 16.77 4.13
C ASN A 774 -8.67 15.28 3.89
N PRO A 775 -7.85 14.72 3.01
CA PRO A 775 -7.97 13.29 2.67
C PRO A 775 -7.78 12.36 3.84
N ASN A 776 -6.93 12.68 4.82
CA ASN A 776 -6.82 11.81 5.99
CA ASN A 776 -6.82 11.80 5.97
C ASN A 776 -8.12 11.75 6.76
N ARG A 777 -8.74 12.91 6.98
CA ARG A 777 -10.03 12.90 7.71
C ARG A 777 -11.12 12.13 6.94
N ILE A 778 -11.18 12.30 5.63
CA ILE A 778 -12.13 11.54 4.80
C ILE A 778 -11.94 10.08 4.94
N ARG A 779 -10.70 9.67 4.81
CA ARG A 779 -10.36 8.27 4.94
C ARG A 779 -10.71 7.69 6.30
N SER A 780 -10.43 8.41 7.35
CA SER A 780 -10.58 7.90 8.70
CA SER A 780 -10.58 7.89 8.70
C SER A 780 -12.04 7.83 9.16
N LEU A 781 -12.89 8.69 8.61
CA LEU A 781 -14.33 8.60 8.98
C LEU A 781 -15.15 7.89 7.90
N ILE A 782 -15.13 8.43 6.68
CA ILE A 782 -15.99 7.94 5.66
C ILE A 782 -15.43 6.64 5.09
N GLY A 783 -14.13 6.62 4.80
CA GLY A 783 -13.51 5.44 4.28
C GLY A 783 -13.56 4.23 5.17
N ALA A 784 -13.31 4.47 6.44
CA ALA A 784 -13.32 3.43 7.46
C ALA A 784 -14.77 2.86 7.56
N PHE A 785 -15.77 3.72 7.48
CA PHE A 785 -17.18 3.24 7.54
C PHE A 785 -17.45 2.30 6.38
N ALA A 786 -17.21 2.79 5.17
CA ALA A 786 -17.51 2.01 3.93
C ALA A 786 -16.70 0.74 3.75
N GLY A 787 -15.43 0.81 4.07
CA GLY A 787 -14.45 -0.23 3.80
C GLY A 787 -14.14 -1.14 4.95
N SER A 788 -14.21 -0.61 6.14
CA SER A 788 -13.93 -1.34 7.33
C SER A 788 -15.10 -1.62 8.25
N ASN A 789 -16.30 -1.17 7.94
CA ASN A 789 -17.47 -1.62 8.67
C ASN A 789 -18.51 -2.21 7.71
N PRO A 790 -18.14 -3.27 7.01
CA PRO A 790 -19.04 -3.73 5.92
C PRO A 790 -20.41 -4.17 6.48
N ALA A 791 -20.48 -4.57 7.73
CA ALA A 791 -21.78 -4.82 8.28
C ALA A 791 -22.75 -3.62 8.32
N ALA A 792 -22.25 -2.46 8.73
CA ALA A 792 -23.04 -1.24 8.69
C ALA A 792 -23.15 -0.67 7.29
N PHE A 793 -22.05 -0.66 6.52
CA PHE A 793 -22.12 -0.18 5.17
C PHE A 793 -23.22 -0.93 4.38
N HIS A 794 -23.30 -2.22 4.66
CA HIS A 794 -24.24 -3.10 4.00
C HIS A 794 -25.53 -3.38 4.80
N ALA A 795 -25.91 -2.44 5.65
CA ALA A 795 -27.14 -2.47 6.34
C ALA A 795 -28.23 -2.79 5.29
N GLU A 796 -29.14 -3.66 5.70
CA GLU A 796 -30.24 -4.13 4.83
C GLU A 796 -31.14 -3.06 4.24
N ASP A 797 -31.28 -1.96 4.96
CA ASP A 797 -32.12 -0.83 4.52
C ASP A 797 -31.42 -0.03 3.45
N GLY A 798 -30.15 -0.35 3.11
CA GLY A 798 -29.44 0.38 2.08
C GLY A 798 -28.93 1.76 2.45
N SER A 799 -29.08 2.12 3.72
CA SER A 799 -28.64 3.42 4.22
C SER A 799 -27.14 3.71 4.03
N GLY A 800 -26.30 2.66 4.08
CA GLY A 800 -24.86 2.82 3.89
C GLY A 800 -24.53 3.23 2.48
N TYR A 801 -25.24 2.66 1.51
CA TYR A 801 -24.95 2.98 0.13
C TYR A 801 -25.40 4.45 -0.14
N LEU A 802 -26.55 4.84 0.40
CA LEU A 802 -27.05 6.21 0.20
C LEU A 802 -26.10 7.26 0.78
N PHE A 803 -25.56 6.96 1.93
CA PHE A 803 -24.59 7.86 2.58
C PHE A 803 -23.33 8.00 1.70
N LEU A 804 -22.80 6.86 1.24
CA LEU A 804 -21.63 6.94 0.34
C LEU A 804 -21.90 7.72 -0.92
N VAL A 805 -23.10 7.57 -1.52
CA VAL A 805 -23.42 8.32 -2.68
C VAL A 805 -23.35 9.84 -2.40
N GLU A 806 -23.92 10.28 -1.29
CA GLU A 806 -23.87 11.69 -0.95
CA GLU A 806 -23.87 11.66 -0.98
C GLU A 806 -22.41 12.14 -0.82
N MET A 807 -21.58 11.35 -0.14
CA MET A 807 -20.20 11.79 0.05
C MET A 807 -19.48 11.83 -1.28
N LEU A 808 -19.72 10.85 -2.11
CA LEU A 808 -19.08 10.78 -3.42
C LEU A 808 -19.54 11.90 -4.41
N THR A 809 -20.79 12.33 -4.26
CA THR A 809 -21.30 13.42 -5.01
C THR A 809 -20.47 14.70 -4.74
N ASP A 810 -20.11 14.91 -3.49
CA ASP A 810 -19.19 16.03 -3.13
C ASP A 810 -17.79 15.77 -3.70
N LEU A 811 -17.23 14.59 -3.39
CA LEU A 811 -15.81 14.34 -3.67
C LEU A 811 -15.51 14.17 -5.13
N ASN A 812 -16.47 13.72 -5.95
CA ASN A 812 -16.29 13.70 -7.38
C ASN A 812 -15.82 15.02 -7.96
N SER A 813 -16.35 16.12 -7.46
CA SER A 813 -15.99 17.45 -7.89
C SER A 813 -14.75 17.98 -7.11
N ARG A 814 -14.65 17.67 -5.84
CA ARG A 814 -13.61 18.27 -4.97
C ARG A 814 -12.25 17.59 -5.21
N ASN A 815 -12.24 16.25 -5.19
CA ASN A 815 -11.00 15.50 -5.14
C ASN A 815 -11.33 14.13 -5.66
N PRO A 816 -11.24 13.98 -6.98
CA PRO A 816 -11.64 12.74 -7.60
C PRO A 816 -10.80 11.57 -7.22
N GLN A 817 -9.52 11.78 -6.95
CA GLN A 817 -8.69 10.66 -6.55
C GLN A 817 -9.14 10.05 -5.23
N VAL A 818 -9.49 10.90 -4.26
CA VAL A 818 -10.01 10.41 -3.03
C VAL A 818 -11.40 9.72 -3.21
N ALA A 819 -12.24 10.35 -4.04
CA ALA A 819 -13.51 9.76 -4.42
C ALA A 819 -13.36 8.33 -4.97
N SER A 820 -12.39 8.14 -5.84
CA SER A 820 -12.18 6.86 -6.46
C SER A 820 -11.71 5.83 -5.48
N ARG A 821 -10.88 6.21 -4.51
CA ARG A 821 -10.56 5.28 -3.42
C ARG A 821 -11.82 4.85 -2.66
N LEU A 822 -12.68 5.80 -2.35
CA LEU A 822 -13.84 5.58 -1.54
C LEU A 822 -14.94 4.82 -2.23
N ILE A 823 -15.01 4.85 -3.56
CA ILE A 823 -16.06 4.08 -4.26
C ILE A 823 -15.80 2.57 -4.26
N GLU A 824 -14.59 2.13 -3.89
CA GLU A 824 -14.24 0.76 -4.03
C GLU A 824 -15.27 -0.24 -3.40
N PRO A 825 -15.75 0.06 -2.21
CA PRO A 825 -16.71 -0.91 -1.59
C PRO A 825 -18.02 -1.14 -2.38
N LEU A 826 -18.41 -0.16 -3.18
CA LEU A 826 -19.61 -0.24 -4.00
C LEU A 826 -19.43 -1.03 -5.24
N ILE A 827 -18.19 -1.07 -5.75
CA ILE A 827 -17.95 -1.82 -6.98
C ILE A 827 -17.80 -3.34 -6.77
N ARG A 828 -17.87 -3.79 -5.52
CA ARG A 828 -17.87 -5.17 -5.17
C ARG A 828 -19.25 -5.83 -5.14
N LEU A 829 -20.24 -5.17 -5.69
CA LEU A 829 -21.65 -5.62 -5.61
C LEU A 829 -21.93 -7.06 -5.97
N LYS A 830 -21.20 -7.61 -6.93
CA LYS A 830 -21.49 -8.99 -7.42
C LYS A 830 -21.10 -10.04 -6.39
N ARG A 831 -20.38 -9.66 -5.34
CA ARG A 831 -20.06 -10.56 -4.28
C ARG A 831 -21.22 -10.69 -3.27
N TYR A 832 -22.26 -9.86 -3.39
CA TYR A 832 -23.32 -9.82 -2.38
C TYR A 832 -24.61 -10.43 -2.95
N ASP A 833 -25.56 -10.59 -2.05
CA ASP A 833 -26.89 -11.18 -2.39
C ASP A 833 -27.67 -10.24 -3.26
N ALA A 834 -28.68 -10.82 -3.90
CA ALA A 834 -29.41 -10.10 -4.94
C ALA A 834 -30.01 -8.80 -4.51
N LYS A 835 -30.58 -8.73 -3.33
CA LYS A 835 -31.21 -7.55 -2.87
C LYS A 835 -30.21 -6.44 -2.61
N ARG A 836 -29.07 -6.83 -2.00
CA ARG A 836 -27.98 -5.83 -1.86
C ARG A 836 -27.45 -5.38 -3.19
N GLN A 837 -27.21 -6.30 -4.10
CA GLN A 837 -26.76 -5.92 -5.46
C GLN A 837 -27.66 -4.93 -6.10
N GLU A 838 -28.97 -5.18 -5.99
CA GLU A 838 -29.92 -4.23 -6.60
C GLU A 838 -29.78 -2.78 -6.06
N LYS A 839 -29.63 -2.63 -4.75
CA LYS A 839 -29.43 -1.33 -4.10
C LYS A 839 -28.07 -0.71 -4.51
N MET A 840 -27.05 -1.55 -4.61
CA MET A 840 -25.72 -1.05 -4.91
C MET A 840 -25.65 -0.57 -6.38
N ARG A 841 -26.28 -1.34 -7.25
CA ARG A 841 -26.41 -0.97 -8.63
C ARG A 841 -27.14 0.36 -8.81
N ALA A 842 -28.23 0.54 -8.09
CA ALA A 842 -29.02 1.80 -8.09
C ALA A 842 -28.16 2.99 -7.65
N ALA A 843 -27.36 2.74 -6.65
CA ALA A 843 -26.37 3.77 -6.21
C ALA A 843 -25.33 4.10 -7.28
N LEU A 844 -24.74 3.09 -7.88
CA LEU A 844 -23.81 3.28 -8.96
C LEU A 844 -24.46 4.04 -10.14
N GLU A 845 -25.71 3.70 -10.45
CA GLU A 845 -26.40 4.40 -11.56
CA GLU A 845 -26.43 4.36 -11.55
C GLU A 845 -26.64 5.84 -11.23
N GLN A 846 -26.90 6.14 -9.98
CA GLN A 846 -27.02 7.53 -9.58
C GLN A 846 -25.72 8.33 -9.82
N LEU A 847 -24.62 7.73 -9.41
CA LEU A 847 -23.30 8.34 -9.63
C LEU A 847 -22.93 8.43 -11.09
N LYS A 848 -23.28 7.39 -11.87
CA LYS A 848 -23.08 7.43 -13.31
C LYS A 848 -23.70 8.68 -13.94
N GLY A 849 -24.82 9.14 -13.41
CA GLY A 849 -25.50 10.29 -14.01
C GLY A 849 -25.04 11.62 -13.48
N LEU A 850 -23.97 11.70 -12.67
CA LEU A 850 -23.56 12.99 -12.12
C LEU A 850 -23.13 13.90 -13.24
N GLU A 851 -23.48 15.16 -13.08
CA GLU A 851 -22.93 16.19 -13.87
C GLU A 851 -21.43 16.25 -13.56
N ASN A 852 -20.68 16.39 -14.61
CA ASN A 852 -19.22 16.46 -14.53
C ASN A 852 -18.60 15.26 -13.80
N LEU A 853 -19.02 14.07 -14.19
CA LEU A 853 -18.48 12.84 -13.62
C LEU A 853 -17.01 12.80 -13.94
N SER A 854 -16.16 12.60 -12.94
CA SER A 854 -14.75 12.45 -13.15
C SER A 854 -14.41 11.17 -13.93
N GLY A 855 -13.35 11.21 -14.70
CA GLY A 855 -12.81 9.99 -15.34
C GLY A 855 -12.47 8.94 -14.33
N ASP A 856 -11.98 9.39 -13.19
CA ASP A 856 -11.60 8.47 -12.09
C ASP A 856 -12.78 7.59 -11.73
N LEU A 857 -13.92 8.20 -11.48
CA LEU A 857 -15.12 7.45 -11.08
C LEU A 857 -15.76 6.74 -12.30
N TYR A 858 -15.76 7.42 -13.42
CA TYR A 858 -16.27 6.77 -14.66
C TYR A 858 -15.70 5.38 -14.92
N GLU A 859 -14.38 5.27 -14.87
CA GLU A 859 -13.73 4.00 -15.14
C GLU A 859 -14.28 2.90 -14.21
N LYS A 860 -14.33 3.18 -12.93
CA LYS A 860 -14.77 2.18 -11.95
C LYS A 860 -16.27 1.86 -12.12
N ILE A 861 -17.08 2.88 -12.26
CA ILE A 861 -18.57 2.72 -12.36
C ILE A 861 -18.93 1.87 -13.59
N THR A 862 -18.27 2.16 -14.72
CA THR A 862 -18.58 1.42 -15.96
CA THR A 862 -18.63 1.41 -15.98
C THR A 862 -18.21 -0.06 -15.85
N LYS A 863 -17.05 -0.33 -15.26
CA LYS A 863 -16.65 -1.74 -14.99
C LYS A 863 -17.65 -2.41 -14.04
N ALA A 864 -18.11 -1.70 -13.01
CA ALA A 864 -18.98 -2.30 -12.03
C ALA A 864 -20.37 -2.61 -12.55
N LEU A 865 -20.85 -1.73 -13.43
CA LEU A 865 -22.21 -1.89 -13.96
C LEU A 865 -22.26 -2.79 -15.17
N ALA A 866 -21.13 -3.19 -15.72
CA ALA A 866 -21.08 -4.18 -16.83
C ALA A 866 -21.62 -5.57 -16.46
ZN ZN B . 6.35 3.45 -4.29
N ALA C . 5.14 6.86 -5.91
N ALA C . 5.25 6.75 -5.96
CA ALA C . 4.56 7.00 -4.56
CA ALA C . 4.50 6.92 -4.69
C ALA C . 4.61 5.66 -3.90
C ALA C . 4.78 5.75 -3.77
O ALA C . 3.55 5.18 -3.49
O ALA C . 4.79 4.61 -4.30
CB ALA C . 3.12 7.46 -4.63
CB ALA C . 3.00 7.03 -4.99
OXT ALA C . 5.67 5.07 -3.81
OXT ALA C . 4.81 5.88 -2.51
NA NA D . -15.31 20.52 11.15
NA NA E . -4.04 -35.83 3.41
NA NA F . 14.49 -9.37 11.53
NA NA G . -4.16 -38.21 1.04
NA NA H . 15.09 13.43 -22.83
NA NA I . 18.26 24.47 -18.93
NA NA J . 10.23 6.84 -9.15
NA NA K . -9.15 -27.33 2.81
NA NA L . -5.30 22.97 -24.04
NA NA M . -20.17 -16.52 21.81
NA NA N . -7.21 13.00 -13.77
NA NA O . -5.99 10.95 -16.97
NA NA P . -15.10 -4.13 2.79
NA NA Q . -12.58 -8.64 1.34
NA NA R . 14.23 -17.84 -21.19
C1 MLI S . 16.99 -0.21 26.66
C2 MLI S . 17.68 -1.12 25.70
C3 MLI S . 16.74 1.15 26.08
O6 MLI S . 18.88 -0.85 25.44
O7 MLI S . 17.05 -2.11 25.30
O8 MLI S . 15.60 1.65 26.06
O9 MLI S . 17.70 1.81 25.65
C1 MLI T . 5.64 -21.83 -21.52
C2 MLI T . 4.49 -22.63 -20.95
C3 MLI T . 5.54 -20.30 -21.64
O6 MLI T . 4.82 -23.75 -20.50
O7 MLI T . 3.31 -22.18 -20.90
O8 MLI T . 6.56 -19.66 -22.02
O9 MLI T . 4.48 -19.68 -21.35
C1 MLI U . -0.71 1.98 -2.58
C2 MLI U . -1.71 0.91 -2.23
C3 MLI U . -0.95 3.45 -2.21
O6 MLI U . -1.31 -0.25 -1.84
O7 MLI U . -2.93 1.13 -2.36
O8 MLI U . -0.10 4.31 -2.57
O9 MLI U . -1.94 3.83 -1.56
C1 MLI V . 3.67 3.91 -0.27
C2 MLI V . 3.69 2.52 0.36
C3 MLI V . 2.39 4.71 -0.07
O6 MLI V . 3.63 2.43 1.58
O7 MLI V . 3.82 1.48 -0.33
O8 MLI V . 1.86 5.30 -1.09
O9 MLI V . 1.97 4.80 1.10
#